data_8QA8
#
_entry.id   8QA8
#
_cell.length_a   58.686
_cell.length_b   152.710
_cell.length_c   198.274
_cell.angle_alpha   90.00
_cell.angle_beta   90.00
_cell.angle_gamma   90.00
#
_symmetry.space_group_name_H-M   'P 21 21 21'
#
loop_
_entity.id
_entity.type
_entity.pdbx_description
1 polymer 'Transcriptional repressor protein KorB'
2 non-polymer "CYTIDINE-5'-TRIPHOSPHATE"
3 non-polymer 'CHLORIDE ION'
4 water water
#
_entity_poly.entity_id   1
_entity_poly.type   'polypeptide(L)'
_entity_poly.pdbx_seq_one_letter_code
;MLDSIGDLSSLLDAPAASQGGSGPIELDLDLIDEDPHQPRTADNPGFSPESIAEIGATIKERGVKSPISVRENQEQPGRY
IINHGARRYRGSKWAGKKSIPAFIDNDYNEADQVIENLQRNELTPREIADFIGRELAKGKKKGDIAKEIGKSPAFITQHV
TLLDLPEKIADAFNTGRVRDVTVVNELVTAFKKRPEEVEAWLDDDTQEITRGTVKLLREFLDEKKLAAALEHHHHHH
;
_entity_poly.pdbx_strand_id   A,B,C,D,E,F
#
# COMPACT_ATOMS: atom_id res chain seq x y z
N GLY A 23 -1.88 -31.23 15.99
CA GLY A 23 -1.44 -30.16 16.92
C GLY A 23 0.08 -30.13 17.20
N PRO A 24 0.63 -28.99 17.73
CA PRO A 24 1.98 -28.94 18.28
C PRO A 24 2.01 -29.58 19.67
N ILE A 25 3.18 -30.05 20.07
CA ILE A 25 3.32 -30.72 21.35
C ILE A 25 3.86 -29.71 22.35
N GLU A 26 3.36 -29.74 23.57
CA GLU A 26 3.91 -28.91 24.65
C GLU A 26 5.11 -29.66 25.23
N LEU A 27 6.31 -29.16 24.99
CA LEU A 27 7.51 -29.89 25.38
C LEU A 27 8.14 -29.24 26.60
N ASP A 28 8.41 -30.05 27.63
CA ASP A 28 9.11 -29.56 28.82
C ASP A 28 10.45 -28.94 28.41
N LEU A 29 10.72 -27.71 28.87
CA LEU A 29 11.96 -27.01 28.57
C LEU A 29 13.18 -27.77 29.08
N ASP A 30 13.02 -28.53 30.17
CA ASP A 30 14.04 -29.40 30.74
C ASP A 30 14.56 -30.45 29.76
N LEU A 31 13.77 -30.78 28.74
CA LEU A 31 14.11 -31.87 27.84
C LEU A 31 14.78 -31.32 26.57
N ILE A 32 15.04 -30.01 26.51
CA ILE A 32 15.46 -29.37 25.28
C ILE A 32 16.84 -28.76 25.46
N ASP A 33 17.72 -29.03 24.48
CA ASP A 33 19.04 -28.44 24.42
C ASP A 33 19.17 -27.58 23.18
N GLU A 34 19.87 -26.47 23.33
CA GLU A 34 20.25 -25.65 22.19
C GLU A 34 21.27 -26.40 21.34
N ASP A 35 21.28 -26.09 20.06
CA ASP A 35 22.23 -26.65 19.12
C ASP A 35 23.49 -25.78 19.19
N PRO A 36 24.65 -26.37 19.59
CA PRO A 36 25.86 -25.56 19.71
C PRO A 36 26.45 -25.11 18.38
N HIS A 37 25.96 -25.67 17.25
CA HIS A 37 26.39 -25.27 15.91
C HIS A 37 25.35 -24.42 15.18
N GLN A 38 24.37 -23.88 15.91
N GLN A 38 24.37 -23.89 15.91
CA GLN A 38 23.39 -22.96 15.33
CA GLN A 38 23.40 -22.93 15.37
C GLN A 38 24.17 -21.77 14.78
C GLN A 38 24.18 -21.77 14.77
N PRO A 39 23.69 -21.11 13.69
CA PRO A 39 24.43 -19.99 13.12
C PRO A 39 24.38 -18.70 13.93
N ARG A 40 23.44 -18.55 14.83
CA ARG A 40 23.44 -17.41 15.73
C ARG A 40 24.42 -17.61 16.89
N THR A 41 25.41 -16.73 17.02
CA THR A 41 26.44 -16.87 18.02
C THR A 41 26.08 -16.05 19.26
N ALA A 42 26.87 -16.22 20.31
CA ALA A 42 26.68 -15.61 21.62
C ALA A 42 26.68 -14.09 21.54
N ASP A 43 27.47 -13.53 20.64
CA ASP A 43 27.63 -12.11 20.40
C ASP A 43 26.39 -11.47 19.73
N ASN A 44 25.44 -12.27 19.21
CA ASN A 44 24.36 -11.74 18.42
C ASN A 44 23.45 -10.84 19.27
N PRO A 45 23.12 -9.61 18.83
CA PRO A 45 22.21 -8.74 19.59
C PRO A 45 20.93 -9.42 20.09
N GLY A 46 20.46 -10.41 19.35
CA GLY A 46 19.24 -11.11 19.68
C GLY A 46 19.36 -12.05 20.88
N PHE A 47 20.57 -12.29 21.36
CA PHE A 47 20.78 -13.09 22.57
C PHE A 47 21.17 -12.21 23.74
N SER A 48 21.14 -10.89 23.58
CA SER A 48 21.37 -9.97 24.69
C SER A 48 20.24 -10.13 25.69
N PRO A 49 20.51 -9.92 26.99
CA PRO A 49 19.46 -10.03 28.01
C PRO A 49 18.24 -9.17 27.65
N GLU A 50 18.46 -7.92 27.22
CA GLU A 50 17.36 -7.05 26.84
C GLU A 50 16.50 -7.66 25.73
N SER A 51 17.12 -8.28 24.73
CA SER A 51 16.37 -8.82 23.59
C SER A 51 15.57 -10.04 24.01
N ILE A 52 16.13 -10.89 24.85
CA ILE A 52 15.39 -12.05 25.36
C ILE A 52 14.24 -11.57 26.24
N ALA A 53 14.45 -10.48 26.99
CA ALA A 53 13.39 -9.91 27.82
C ALA A 53 12.25 -9.40 26.95
N GLU A 54 12.59 -8.85 25.78
CA GLU A 54 11.60 -8.29 24.88
C GLU A 54 10.70 -9.39 24.29
N ILE A 55 11.28 -10.44 23.74
CA ILE A 55 10.45 -11.51 23.21
C ILE A 55 9.77 -12.24 24.37
N GLY A 56 10.48 -12.34 25.49
CA GLY A 56 9.94 -13.00 26.67
C GLY A 56 8.64 -12.38 27.17
N ALA A 57 8.54 -11.04 27.15
CA ALA A 57 7.33 -10.40 27.65
C ALA A 57 6.16 -10.78 26.75
N THR A 58 6.37 -10.85 25.44
CA THR A 58 5.29 -11.23 24.55
C THR A 58 4.89 -12.68 24.78
N ILE A 59 5.85 -13.52 25.15
CA ILE A 59 5.53 -14.92 25.42
C ILE A 59 4.77 -15.03 26.74
N LYS A 60 5.15 -14.26 27.74
CA LYS A 60 4.44 -14.25 29.01
C LYS A 60 2.97 -13.87 28.75
N GLU A 61 2.74 -12.85 27.93
CA GLU A 61 1.40 -12.34 27.64
C GLU A 61 0.63 -13.27 26.70
N ARG A 62 1.22 -13.66 25.55
CA ARG A 62 0.47 -14.24 24.45
C ARG A 62 0.81 -15.70 24.19
N GLY A 63 1.93 -16.18 24.75
CA GLY A 63 2.44 -17.51 24.47
C GLY A 63 3.40 -17.50 23.27
N VAL A 64 4.09 -18.61 23.04
CA VAL A 64 4.81 -18.76 21.79
C VAL A 64 3.79 -19.03 20.68
N LYS A 65 3.77 -18.17 19.69
CA LYS A 65 2.75 -18.22 18.65
C LYS A 65 3.22 -19.05 17.45
N SER A 66 4.55 -19.16 17.22
CA SER A 66 5.11 -20.04 16.21
C SER A 66 5.89 -21.18 16.89
N PRO A 67 5.32 -22.39 16.97
CA PRO A 67 6.00 -23.47 17.68
C PRO A 67 7.41 -23.70 17.15
N ILE A 68 8.35 -24.06 18.05
CA ILE A 68 9.72 -24.27 17.62
C ILE A 68 9.84 -25.63 16.93
N SER A 69 10.95 -25.82 16.21
CA SER A 69 11.23 -27.10 15.57
C SER A 69 12.38 -27.76 16.33
N VAL A 70 12.21 -29.03 16.70
CA VAL A 70 13.26 -29.77 17.36
C VAL A 70 13.47 -31.10 16.65
N ARG A 71 14.67 -31.66 16.86
CA ARG A 71 14.96 -33.04 16.48
C ARG A 71 15.26 -33.88 17.71
N GLU A 72 14.96 -35.17 17.60
CA GLU A 72 15.16 -36.08 18.69
C GLU A 72 16.67 -36.20 18.87
N ASN A 73 17.14 -36.13 20.12
CA ASN A 73 18.54 -36.36 20.41
C ASN A 73 18.82 -37.86 20.31
N GLN A 74 19.66 -38.26 19.34
CA GLN A 74 20.00 -39.66 19.13
C GLN A 74 20.84 -40.18 20.29
N GLU A 75 21.64 -39.30 20.89
CA GLU A 75 22.60 -39.67 21.93
C GLU A 75 21.88 -39.83 23.26
N GLN A 76 20.82 -39.05 23.52
CA GLN A 76 20.11 -39.12 24.79
C GLN A 76 18.62 -39.23 24.53
N PRO A 77 18.07 -40.42 24.23
CA PRO A 77 16.65 -40.53 23.89
C PRO A 77 15.77 -39.93 24.98
N GLY A 78 14.67 -39.31 24.57
CA GLY A 78 13.79 -38.61 25.51
C GLY A 78 14.08 -37.11 25.56
N ARG A 79 15.22 -36.69 24.98
CA ARG A 79 15.58 -35.27 24.91
C ARG A 79 15.53 -34.82 23.47
N TYR A 80 15.60 -33.49 23.26
CA TYR A 80 15.44 -32.90 21.95
C TYR A 80 16.50 -31.82 21.72
N ILE A 81 16.92 -31.59 20.46
CA ILE A 81 17.82 -30.50 20.11
C ILE A 81 17.06 -29.52 19.21
N ILE A 82 17.34 -28.23 19.36
CA ILE A 82 16.63 -27.20 18.64
C ILE A 82 17.14 -27.10 17.22
N ASN A 83 16.21 -27.23 16.28
CA ASN A 83 16.41 -26.88 14.87
C ASN A 83 16.37 -25.36 14.71
N HIS A 84 15.20 -24.76 14.96
CA HIS A 84 15.05 -23.33 15.07
C HIS A 84 14.19 -23.03 16.29
N GLY A 85 14.49 -21.94 17.00
CA GLY A 85 13.69 -21.52 18.13
C GLY A 85 14.46 -21.18 19.42
N ALA A 86 15.73 -20.84 19.34
CA ALA A 86 16.51 -20.65 20.56
C ALA A 86 16.03 -19.41 21.30
N ARG A 87 15.66 -18.34 20.58
CA ARG A 87 15.18 -17.13 21.25
C ARG A 87 13.80 -17.39 21.84
N ARG A 88 12.96 -18.16 21.16
CA ARG A 88 11.67 -18.49 21.73
C ARG A 88 11.87 -19.32 22.99
N TYR A 89 12.87 -20.19 22.95
CA TYR A 89 13.24 -21.05 24.06
C TYR A 89 13.71 -20.20 25.23
N ARG A 90 14.66 -19.29 24.99
CA ARG A 90 15.20 -18.49 26.08
C ARG A 90 14.12 -17.54 26.62
N GLY A 91 13.35 -16.95 25.70
CA GLY A 91 12.22 -16.13 26.08
C GLY A 91 11.22 -16.91 26.92
N SER A 92 10.99 -18.18 26.59
CA SER A 92 10.06 -18.98 27.38
C SER A 92 10.56 -19.11 28.81
N LYS A 93 11.87 -19.31 28.98
CA LYS A 93 12.45 -19.45 30.32
C LYS A 93 12.34 -18.14 31.07
N TRP A 94 12.65 -17.03 30.40
CA TRP A 94 12.54 -15.70 30.96
C TRP A 94 11.14 -15.45 31.50
N ALA A 95 10.12 -15.93 30.77
CA ALA A 95 8.73 -15.70 31.11
C ALA A 95 8.22 -16.66 32.19
N GLY A 96 9.07 -17.58 32.61
CA GLY A 96 8.70 -18.48 33.68
C GLY A 96 7.89 -19.65 33.17
N LYS A 97 8.00 -19.97 31.88
CA LYS A 97 7.24 -21.07 31.31
C LYS A 97 7.90 -22.39 31.67
N LYS A 98 7.07 -23.44 31.82
CA LYS A 98 7.58 -24.77 32.08
C LYS A 98 7.71 -25.52 30.75
N SER A 99 6.97 -25.12 29.71
CA SER A 99 7.00 -25.87 28.45
C SER A 99 6.95 -24.93 27.25
N ILE A 100 7.14 -25.48 26.05
CA ILE A 100 7.12 -24.68 24.84
C ILE A 100 6.46 -25.51 23.74
N PRO A 101 5.61 -24.87 22.92
CA PRO A 101 4.99 -25.54 21.78
C PRO A 101 6.07 -25.91 20.75
N ALA A 102 6.00 -27.14 20.26
CA ALA A 102 7.04 -27.59 19.34
C ALA A 102 6.53 -28.65 18.40
N PHE A 103 7.24 -28.84 17.29
N PHE A 103 7.26 -28.84 17.29
CA PHE A 103 7.05 -30.00 16.44
CA PHE A 103 7.06 -29.98 16.42
C PHE A 103 8.41 -30.68 16.25
C PHE A 103 8.40 -30.68 16.26
N ILE A 104 8.35 -31.97 15.98
CA ILE A 104 9.52 -32.76 15.72
C ILE A 104 9.75 -32.84 14.21
N ASP A 105 10.96 -32.46 13.79
CA ASP A 105 11.41 -32.59 12.42
C ASP A 105 12.85 -33.12 12.43
N ASN A 106 13.00 -34.40 12.09
CA ASN A 106 14.31 -35.04 12.08
C ASN A 106 14.96 -34.89 10.69
N ASP A 107 14.33 -34.17 9.76
CA ASP A 107 14.87 -33.97 8.43
C ASP A 107 15.22 -32.50 8.26
N TYR A 108 16.15 -32.01 9.06
CA TYR A 108 16.44 -30.60 9.19
C TYR A 108 17.95 -30.45 9.22
N ASN A 109 18.53 -29.59 8.36
CA ASN A 109 19.98 -29.52 8.25
C ASN A 109 20.44 -28.10 8.56
N GLU A 110 21.76 -27.86 8.43
CA GLU A 110 22.35 -26.63 8.95
C GLU A 110 21.91 -25.47 8.04
N ALA A 111 21.79 -25.74 6.74
CA ALA A 111 21.32 -24.75 5.79
C ALA A 111 19.89 -24.28 6.11
N ASP A 112 19.02 -25.21 6.52
CA ASP A 112 17.66 -24.89 6.91
C ASP A 112 17.68 -23.85 8.02
N GLN A 113 18.64 -23.93 8.93
CA GLN A 113 18.73 -23.00 10.05
C GLN A 113 19.02 -21.60 9.54
N VAL A 114 19.80 -21.47 8.47
CA VAL A 114 20.08 -20.15 7.92
C VAL A 114 18.86 -19.65 7.14
N ILE A 115 18.17 -20.54 6.43
CA ILE A 115 16.93 -20.23 5.73
C ILE A 115 15.91 -19.62 6.70
N GLU A 116 15.67 -20.28 7.86
CA GLU A 116 14.69 -19.86 8.84
C GLU A 116 14.82 -18.37 9.13
N ASN A 117 16.06 -17.89 9.05
CA ASN A 117 16.39 -16.56 9.47
C ASN A 117 16.47 -15.57 8.30
N LEU A 118 16.99 -15.99 7.15
CA LEU A 118 17.23 -15.05 6.05
C LEU A 118 15.96 -14.88 5.19
N GLN A 119 15.11 -15.91 5.12
CA GLN A 119 13.99 -15.93 4.19
C GLN A 119 12.76 -15.31 4.88
N ARG A 120 12.84 -14.03 5.22
N ARG A 120 12.84 -14.02 5.19
CA ARG A 120 11.74 -13.30 5.82
CA ARG A 120 11.75 -13.31 5.81
C ARG A 120 11.92 -11.80 5.61
C ARG A 120 11.92 -11.82 5.60
N ASN A 121 10.79 -11.10 5.60
CA ASN A 121 10.73 -9.70 5.24
C ASN A 121 9.91 -8.92 6.27
N GLU A 122 10.38 -7.74 6.60
CA GLU A 122 9.80 -6.91 7.64
C GLU A 122 8.58 -6.14 7.08
N LEU A 123 7.69 -5.76 8.00
CA LEU A 123 6.76 -4.69 7.80
C LEU A 123 7.53 -3.40 7.59
N THR A 124 7.01 -2.52 6.74
CA THR A 124 7.62 -1.21 6.55
C THR A 124 7.28 -0.33 7.75
N PRO A 125 8.00 0.79 7.95
CA PRO A 125 7.60 1.78 8.94
C PRO A 125 6.15 2.28 8.75
N ARG A 126 5.77 2.52 7.50
CA ARG A 126 4.44 3.00 7.19
C ARG A 126 3.42 1.97 7.66
N GLU A 127 3.67 0.68 7.40
CA GLU A 127 2.71 -0.34 7.76
C GLU A 127 2.59 -0.47 9.27
N ILE A 128 3.68 -0.17 9.99
CA ILE A 128 3.66 -0.28 11.44
C ILE A 128 2.90 0.94 11.99
N ALA A 129 3.22 2.13 11.47
CA ALA A 129 2.50 3.34 11.83
C ALA A 129 0.99 3.15 11.61
N ASP A 130 0.61 2.62 10.45
CA ASP A 130 -0.80 2.52 10.11
C ASP A 130 -1.50 1.52 11.04
N PHE A 131 -0.80 0.47 11.45
CA PHE A 131 -1.39 -0.42 12.44
C PHE A 131 -1.64 0.34 13.74
N ILE A 132 -0.65 1.15 14.15
CA ILE A 132 -0.77 1.90 15.38
C ILE A 132 -1.96 2.85 15.24
N GLY A 133 -2.01 3.54 14.10
CA GLY A 133 -3.11 4.43 13.73
C GLY A 133 -4.48 3.79 13.90
N ARG A 134 -4.65 2.55 13.43
CA ARG A 134 -5.95 1.90 13.49
C ARG A 134 -6.31 1.64 14.95
N GLU A 135 -5.30 1.32 15.79
CA GLU A 135 -5.51 1.09 17.21
C GLU A 135 -5.87 2.40 17.91
N LEU A 136 -5.13 3.47 17.63
CA LEU A 136 -5.46 4.76 18.21
C LEU A 136 -6.90 5.20 17.86
N ALA A 137 -7.32 4.94 16.62
CA ALA A 137 -8.64 5.34 16.14
C ALA A 137 -9.75 4.56 16.83
N LYS A 138 -9.41 3.43 17.46
CA LYS A 138 -10.37 2.67 18.24
C LYS A 138 -10.33 3.11 19.69
N GLY A 139 -9.44 4.05 20.03
CA GLY A 139 -9.37 4.64 21.35
C GLY A 139 -8.32 3.99 22.24
N LYS A 140 -7.50 3.08 21.72
CA LYS A 140 -6.50 2.42 22.56
C LYS A 140 -5.37 3.38 22.89
N LYS A 141 -4.87 3.31 24.13
CA LYS A 141 -3.80 4.16 24.59
C LYS A 141 -2.47 3.67 24.02
N LYS A 142 -1.55 4.62 23.79
CA LYS A 142 -0.22 4.33 23.28
C LYS A 142 0.44 3.25 24.14
N GLY A 143 0.30 3.39 25.46
CA GLY A 143 0.89 2.48 26.42
C GLY A 143 0.44 1.04 26.19
N ASP A 144 -0.84 0.85 25.88
CA ASP A 144 -1.37 -0.49 25.63
C ASP A 144 -1.00 -0.98 24.23
N ILE A 145 -0.73 -0.05 23.30
CA ILE A 145 -0.34 -0.48 21.97
C ILE A 145 1.09 -1.00 22.04
N ALA A 146 1.97 -0.27 22.77
CA ALA A 146 3.31 -0.76 23.09
C ALA A 146 3.24 -2.18 23.64
N LYS A 147 2.42 -2.41 24.66
CA LYS A 147 2.41 -3.71 25.30
C LYS A 147 1.98 -4.80 24.32
N GLU A 148 0.94 -4.59 23.52
CA GLU A 148 0.38 -5.70 22.76
C GLU A 148 1.29 -6.12 21.60
N ILE A 149 2.27 -5.29 21.22
CA ILE A 149 3.26 -5.70 20.23
C ILE A 149 4.65 -5.87 20.84
N GLY A 150 4.77 -5.75 22.15
CA GLY A 150 6.03 -6.04 22.82
C GLY A 150 7.12 -5.03 22.51
N LYS A 151 6.74 -3.78 22.27
CA LYS A 151 7.72 -2.75 22.00
C LYS A 151 7.64 -1.65 23.04
N SER A 152 8.60 -0.73 22.99
CA SER A 152 8.66 0.34 23.96
C SER A 152 7.77 1.50 23.51
N PRO A 153 7.30 2.33 24.46
CA PRO A 153 6.61 3.58 24.12
C PRO A 153 7.39 4.46 23.15
N ALA A 154 8.70 4.49 23.24
CA ALA A 154 9.50 5.31 22.34
C ALA A 154 9.39 4.82 20.91
N PHE A 155 9.24 3.49 20.74
CA PHE A 155 9.09 2.93 19.42
C PHE A 155 7.73 3.36 18.83
N ILE A 156 6.68 3.35 19.66
CA ILE A 156 5.37 3.80 19.26
C ILE A 156 5.45 5.27 18.86
N THR A 157 6.02 6.11 19.71
CA THR A 157 6.15 7.53 19.43
C THR A 157 6.80 7.75 18.08
N GLN A 158 7.89 7.06 17.80
CA GLN A 158 8.63 7.33 16.57
C GLN A 158 7.79 7.00 15.33
N HIS A 159 6.96 5.96 15.42
CA HIS A 159 6.11 5.57 14.32
C HIS A 159 4.88 6.49 14.18
N VAL A 160 4.31 6.90 15.33
CA VAL A 160 3.17 7.81 15.36
C VAL A 160 3.51 9.08 14.60
N THR A 161 4.75 9.55 14.66
CA THR A 161 5.16 10.72 13.90
C THR A 161 4.78 10.60 12.43
N LEU A 162 4.76 9.37 11.89
CA LEU A 162 4.52 9.19 10.47
C LEU A 162 3.05 9.43 10.09
N LEU A 163 2.16 9.50 11.08
CA LEU A 163 0.73 9.61 10.83
C LEU A 163 0.31 11.06 10.58
N ASP A 164 1.21 12.03 10.77
CA ASP A 164 0.85 13.43 10.64
C ASP A 164 2.08 14.22 10.20
N LEU A 165 2.64 13.84 9.07
CA LEU A 165 3.88 14.45 8.64
C LEU A 165 3.60 15.79 8.01
N PRO A 166 4.42 16.82 8.28
CA PRO A 166 4.38 18.05 7.51
C PRO A 166 4.39 17.73 6.01
N GLU A 167 3.89 18.65 5.18
CA GLU A 167 3.55 18.29 3.81
C GLU A 167 4.80 17.89 3.03
N LYS A 168 5.83 18.73 3.06
CA LYS A 168 7.03 18.52 2.27
C LYS A 168 7.78 17.26 2.71
N ILE A 169 7.78 16.98 4.02
CA ILE A 169 8.42 15.79 4.55
C ILE A 169 7.63 14.55 4.16
N ALA A 170 6.30 14.67 4.11
CA ALA A 170 5.44 13.57 3.69
C ALA A 170 5.82 13.15 2.27
N ASP A 171 5.97 14.12 1.37
CA ASP A 171 6.31 13.84 -0.02
C ASP A 171 7.62 13.03 -0.07
N ALA A 172 8.63 13.54 0.63
CA ALA A 172 9.94 12.91 0.65
C ALA A 172 9.84 11.49 1.21
N PHE A 173 8.94 11.27 2.17
CA PHE A 173 8.79 9.94 2.75
C PHE A 173 8.12 8.99 1.76
N ASN A 174 7.10 9.51 1.06
CA ASN A 174 6.27 8.69 0.19
C ASN A 174 7.04 8.33 -1.09
N THR A 175 7.78 9.29 -1.65
CA THR A 175 8.58 9.06 -2.86
C THR A 175 9.76 8.14 -2.56
N GLY A 176 10.07 7.88 -1.28
CA GLY A 176 11.19 7.02 -0.91
C GLY A 176 12.52 7.77 -0.76
N ARG A 177 12.48 9.11 -0.91
CA ARG A 177 13.66 9.94 -0.78
C ARG A 177 14.26 9.85 0.62
N VAL A 178 13.46 9.47 1.62
CA VAL A 178 13.93 9.07 2.94
C VAL A 178 13.01 7.96 3.43
N ARG A 179 13.56 6.92 4.05
CA ARG A 179 12.76 5.77 4.44
C ARG A 179 12.91 5.45 5.92
N ASP A 180 14.01 5.89 6.56
CA ASP A 180 14.29 5.48 7.92
C ASP A 180 13.49 6.35 8.90
N VAL A 181 12.71 5.67 9.76
CA VAL A 181 11.82 6.33 10.70
C VAL A 181 12.60 7.30 11.59
N THR A 182 13.80 6.91 12.05
CA THR A 182 14.57 7.76 12.94
C THR A 182 14.96 9.05 12.22
N VAL A 183 15.31 8.97 10.95
CA VAL A 183 15.73 10.15 10.22
C VAL A 183 14.53 11.08 9.97
N VAL A 184 13.37 10.47 9.71
CA VAL A 184 12.15 11.23 9.50
C VAL A 184 11.81 12.00 10.76
N ASN A 185 11.87 11.32 11.93
CA ASN A 185 11.65 11.98 13.19
C ASN A 185 12.61 13.15 13.38
N GLU A 186 13.91 12.96 13.07
CA GLU A 186 14.89 14.03 13.26
C GLU A 186 14.55 15.22 12.37
N LEU A 187 13.96 14.93 11.21
CA LEU A 187 13.64 15.95 10.22
C LEU A 187 12.39 16.73 10.66
N VAL A 188 11.42 16.03 11.24
CA VAL A 188 10.25 16.66 11.83
C VAL A 188 10.67 17.57 12.98
N THR A 189 11.46 17.03 13.93
CA THR A 189 11.90 17.81 15.08
C THR A 189 12.57 19.11 14.62
N ALA A 190 13.31 19.05 13.50
CA ALA A 190 13.93 20.26 12.97
C ALA A 190 12.87 21.18 12.36
N PHE A 191 11.88 20.60 11.69
CA PHE A 191 10.82 21.35 11.03
C PHE A 191 10.02 22.18 12.03
N LYS A 192 9.75 21.60 13.20
CA LYS A 192 8.98 22.27 14.25
C LYS A 192 9.65 23.58 14.64
N LYS A 193 10.98 23.58 14.77
CA LYS A 193 11.74 24.71 15.28
C LYS A 193 12.04 25.70 14.15
N ARG A 194 12.24 25.23 12.91
CA ARG A 194 12.63 26.11 11.81
C ARG A 194 11.98 25.64 10.50
N PRO A 195 10.65 25.83 10.31
CA PRO A 195 9.94 25.22 9.18
C PRO A 195 10.34 25.75 7.81
N GLU A 196 10.60 27.07 7.70
CA GLU A 196 10.95 27.65 6.42
C GLU A 196 12.29 27.09 5.94
N GLU A 197 13.23 26.88 6.87
CA GLU A 197 14.61 26.53 6.52
C GLU A 197 14.70 25.07 6.09
N VAL A 198 13.91 24.20 6.74
CA VAL A 198 13.83 22.79 6.39
C VAL A 198 13.13 22.61 5.04
N GLU A 199 12.10 23.43 4.76
CA GLU A 199 11.38 23.33 3.50
C GLU A 199 12.29 23.69 2.34
N ALA A 200 13.15 24.72 2.52
CA ALA A 200 14.06 25.17 1.48
C ALA A 200 15.20 24.18 1.27
N TRP A 201 15.53 23.40 2.31
CA TRP A 201 16.55 22.36 2.23
C TRP A 201 16.02 21.18 1.43
N LEU A 202 14.71 20.86 1.59
CA LEU A 202 14.06 19.78 0.87
C LEU A 202 13.76 20.19 -0.58
N ASP A 203 13.65 21.49 -0.83
CA ASP A 203 13.27 22.01 -2.14
C ASP A 203 14.42 21.84 -3.13
N ASP A 204 15.64 21.57 -2.63
CA ASP A 204 16.79 21.29 -3.47
C ASP A 204 16.76 19.82 -3.86
N ASP A 205 16.82 19.56 -5.17
CA ASP A 205 16.69 18.20 -5.70
C ASP A 205 18.00 17.43 -5.53
N THR A 206 19.14 18.13 -5.47
CA THR A 206 20.44 17.49 -5.32
C THR A 206 20.63 16.94 -3.90
N GLN A 207 19.85 17.46 -2.94
CA GLN A 207 20.04 17.19 -1.52
C GLN A 207 19.52 15.80 -1.16
N GLU A 208 20.45 14.90 -0.86
CA GLU A 208 20.12 13.59 -0.35
C GLU A 208 19.76 13.68 1.14
N ILE A 209 18.97 12.72 1.62
CA ILE A 209 18.50 12.70 2.99
C ILE A 209 19.01 11.45 3.67
N THR A 210 20.00 11.62 4.55
CA THR A 210 20.60 10.52 5.30
C THR A 210 20.77 10.95 6.74
N ARG A 211 20.98 9.94 7.63
CA ARG A 211 21.33 10.18 9.02
C ARG A 211 22.34 11.32 9.09
N GLY A 212 23.30 11.32 8.15
CA GLY A 212 24.41 12.26 8.12
C GLY A 212 24.02 13.68 7.69
N THR A 213 23.27 13.81 6.58
CA THR A 213 22.93 15.13 6.06
C THR A 213 22.01 15.86 7.03
N VAL A 214 21.15 15.11 7.72
CA VAL A 214 20.24 15.69 8.68
C VAL A 214 21.01 16.14 9.92
N LYS A 215 21.96 15.33 10.37
CA LYS A 215 22.87 15.73 11.45
C LYS A 215 23.57 17.04 11.09
N LEU A 216 23.92 17.24 9.82
CA LEU A 216 24.56 18.46 9.34
C LEU A 216 23.59 19.62 9.36
N LEU A 217 22.32 19.36 9.07
CA LEU A 217 21.28 20.37 9.05
C LEU A 217 20.98 20.85 10.47
N ARG A 218 20.88 19.91 11.42
CA ARG A 218 20.62 20.26 12.81
C ARG A 218 21.69 21.23 13.31
N GLU A 219 22.95 20.92 13.01
CA GLU A 219 24.06 21.73 13.47
C GLU A 219 24.05 23.11 12.81
N PHE A 220 23.74 23.17 11.51
CA PHE A 220 23.70 24.44 10.81
C PHE A 220 22.70 25.37 11.49
N LEU A 221 21.61 24.81 12.04
CA LEU A 221 20.50 25.58 12.58
C LEU A 221 20.78 26.09 14.01
N ASP A 222 21.72 25.47 14.73
CA ASP A 222 22.13 25.96 16.05
C ASP A 222 23.19 27.08 16.02
N GLU A 223 23.75 27.46 14.85
CA GLU A 223 24.87 28.39 14.81
C GLU A 223 24.44 29.79 15.25
N GLY B 23 2.05 -34.04 14.91
CA GLY B 23 2.84 -32.97 14.23
C GLY B 23 1.98 -31.84 13.63
N PRO B 24 2.48 -31.09 12.61
CA PRO B 24 1.69 -30.14 11.83
C PRO B 24 0.82 -30.90 10.84
N ILE B 25 -0.27 -30.25 10.41
CA ILE B 25 -1.18 -30.86 9.46
C ILE B 25 -0.75 -30.38 8.07
N GLU B 26 -0.80 -31.29 7.07
CA GLU B 26 -0.62 -30.85 5.70
C GLU B 26 -1.99 -30.37 5.21
N LEU B 27 -2.16 -29.05 5.06
CA LEU B 27 -3.45 -28.47 4.77
C LEU B 27 -3.50 -28.13 3.29
N ASP B 28 -4.57 -28.58 2.61
CA ASP B 28 -4.86 -28.24 1.23
C ASP B 28 -4.88 -26.72 1.06
N LEU B 29 -4.08 -26.18 0.12
CA LEU B 29 -4.02 -24.74 -0.13
C LEU B 29 -5.38 -24.18 -0.53
N ASP B 30 -6.19 -25.02 -1.18
CA ASP B 30 -7.53 -24.66 -1.62
C ASP B 30 -8.46 -24.39 -0.46
N LEU B 31 -8.12 -24.76 0.77
CA LEU B 31 -9.00 -24.53 1.91
C LEU B 31 -8.60 -23.25 2.66
N ILE B 32 -7.61 -22.52 2.15
CA ILE B 32 -6.99 -21.46 2.93
C ILE B 32 -7.15 -20.14 2.18
N ASP B 33 -7.58 -19.11 2.92
CA ASP B 33 -7.65 -17.76 2.40
C ASP B 33 -6.73 -16.85 3.20
N GLU B 34 -6.19 -15.87 2.52
CA GLU B 34 -5.43 -14.82 3.18
C GLU B 34 -6.37 -13.94 4.01
N ASP B 35 -5.80 -13.33 5.04
CA ASP B 35 -6.51 -12.39 5.88
C ASP B 35 -6.41 -11.02 5.24
N PRO B 36 -7.53 -10.41 4.82
CA PRO B 36 -7.48 -9.12 4.14
C PRO B 36 -7.07 -7.95 5.05
N HIS B 37 -7.06 -8.15 6.38
CA HIS B 37 -6.63 -7.11 7.33
C HIS B 37 -5.26 -7.41 7.94
N GLN B 38 -4.50 -8.33 7.33
N GLN B 38 -4.50 -8.33 7.33
CA GLN B 38 -3.12 -8.63 7.72
CA GLN B 38 -3.13 -8.64 7.77
C GLN B 38 -2.33 -7.32 7.69
C GLN B 38 -2.32 -7.35 7.68
N PRO B 39 -1.31 -7.11 8.56
CA PRO B 39 -0.61 -5.83 8.53
C PRO B 39 0.34 -5.61 7.35
N ARG B 40 0.76 -6.68 6.67
CA ARG B 40 1.52 -6.53 5.43
C ARG B 40 0.62 -6.16 4.25
N THR B 41 0.86 -4.99 3.64
CA THR B 41 0.04 -4.52 2.54
C THR B 41 0.65 -4.94 1.21
N ALA B 42 -0.10 -4.68 0.14
CA ALA B 42 0.21 -5.08 -1.23
C ALA B 42 1.52 -4.50 -1.70
N ASP B 43 1.86 -3.28 -1.24
CA ASP B 43 3.07 -2.55 -1.57
C ASP B 43 4.32 -3.14 -0.92
N ASN B 44 4.19 -4.05 0.04
CA ASN B 44 5.34 -4.50 0.82
C ASN B 44 6.35 -5.23 -0.07
N PRO B 45 7.67 -4.90 0.01
CA PRO B 45 8.67 -5.60 -0.80
C PRO B 45 8.57 -7.12 -0.75
N GLY B 46 8.09 -7.65 0.37
CA GLY B 46 8.00 -9.08 0.57
C GLY B 46 6.90 -9.76 -0.20
N PHE B 47 6.01 -8.97 -0.82
CA PHE B 47 4.97 -9.53 -1.67
C PHE B 47 5.29 -9.31 -3.15
N SER B 48 6.48 -8.76 -3.47
CA SER B 48 6.91 -8.62 -4.85
C SER B 48 7.09 -10.00 -5.46
N PRO B 49 6.83 -10.17 -6.77
CA PRO B 49 7.05 -11.46 -7.43
C PRO B 49 8.44 -12.00 -7.18
N GLU B 50 9.47 -11.16 -7.26
CA GLU B 50 10.85 -11.63 -7.00
C GLU B 50 10.99 -12.20 -5.58
N SER B 51 10.38 -11.56 -4.58
CA SER B 51 10.49 -12.00 -3.19
C SER B 51 9.76 -13.33 -3.00
N ILE B 52 8.57 -13.47 -3.59
CA ILE B 52 7.85 -14.74 -3.49
C ILE B 52 8.64 -15.84 -4.21
N ALA B 53 9.31 -15.51 -5.30
CA ALA B 53 10.14 -16.49 -6.03
C ALA B 53 11.31 -16.95 -5.16
N GLU B 54 11.86 -16.03 -4.38
CA GLU B 54 13.00 -16.32 -3.54
C GLU B 54 12.59 -17.29 -2.41
N ILE B 55 11.52 -17.01 -1.67
CA ILE B 55 11.13 -17.94 -0.62
C ILE B 55 10.60 -19.21 -1.26
N GLY B 56 9.93 -19.06 -2.40
CA GLY B 56 9.37 -20.20 -3.11
C GLY B 56 10.43 -21.24 -3.48
N ALA B 57 11.61 -20.80 -3.91
CA ALA B 57 12.65 -21.74 -4.30
C ALA B 57 13.07 -22.58 -3.09
N THR B 58 13.17 -21.95 -1.91
CA THR B 58 13.53 -22.69 -0.70
C THR B 58 12.44 -23.69 -0.35
N ILE B 59 11.18 -23.34 -0.62
CA ILE B 59 10.07 -24.24 -0.33
C ILE B 59 10.05 -25.40 -1.30
N LYS B 60 10.34 -25.11 -2.57
CA LYS B 60 10.42 -26.17 -3.57
C LYS B 60 11.49 -27.19 -3.16
N GLU B 61 12.63 -26.70 -2.70
CA GLU B 61 13.75 -27.56 -2.32
C GLU B 61 13.53 -28.24 -0.96
N ARG B 62 13.18 -27.47 0.09
CA ARG B 62 13.28 -27.93 1.46
C ARG B 62 11.92 -28.11 2.15
N GLY B 63 10.88 -27.51 1.59
CA GLY B 63 9.58 -27.48 2.21
C GLY B 63 9.43 -26.19 3.02
N VAL B 64 8.20 -25.93 3.47
CA VAL B 64 8.01 -24.95 4.51
C VAL B 64 8.48 -25.58 5.80
N LYS B 65 9.46 -24.93 6.44
CA LYS B 65 10.06 -25.51 7.64
C LYS B 65 9.39 -25.00 8.92
N SER B 66 8.74 -23.82 8.86
CA SER B 66 7.96 -23.27 9.97
C SER B 66 6.48 -23.25 9.60
N PRO B 67 5.68 -24.22 10.09
CA PRO B 67 4.29 -24.33 9.69
C PRO B 67 3.54 -23.02 9.90
N ILE B 68 2.60 -22.73 9.00
CA ILE B 68 1.82 -21.51 9.15
C ILE B 68 0.76 -21.71 10.25
N SER B 69 0.23 -20.60 10.73
CA SER B 69 -0.86 -20.62 11.71
C SER B 69 -2.14 -20.18 11.02
N VAL B 70 -3.21 -20.96 11.16
CA VAL B 70 -4.51 -20.58 10.60
C VAL B 70 -5.58 -20.67 11.69
N ARG B 71 -6.70 -19.96 11.44
CA ARG B 71 -7.92 -20.09 12.23
C ARG B 71 -9.05 -20.59 11.36
N GLU B 72 -10.00 -21.29 11.99
CA GLU B 72 -11.19 -21.76 11.32
C GLU B 72 -12.01 -20.55 10.90
N ASN B 73 -12.46 -20.55 9.65
CA ASN B 73 -13.40 -19.56 9.18
C ASN B 73 -14.79 -19.86 9.74
N GLN B 74 -15.30 -18.95 10.59
CA GLN B 74 -16.63 -19.11 11.19
C GLN B 74 -17.73 -18.98 10.13
N GLU B 75 -17.48 -18.15 9.12
CA GLU B 75 -18.46 -17.83 8.08
C GLU B 75 -18.55 -18.97 7.07
N GLN B 76 -17.44 -19.67 6.80
CA GLN B 76 -17.42 -20.68 5.73
C GLN B 76 -16.83 -21.97 6.29
N PRO B 77 -17.66 -22.85 6.87
CA PRO B 77 -17.15 -24.05 7.53
C PRO B 77 -16.30 -24.88 6.58
N GLY B 78 -15.22 -25.45 7.12
CA GLY B 78 -14.32 -26.27 6.34
C GLY B 78 -13.11 -25.50 5.82
N ARG B 79 -13.15 -24.16 5.93
CA ARG B 79 -12.11 -23.31 5.35
C ARG B 79 -11.37 -22.63 6.48
N TYR B 80 -10.22 -22.01 6.16
CA TYR B 80 -9.33 -21.46 7.15
C TYR B 80 -8.85 -20.08 6.70
N ILE B 81 -8.55 -19.21 7.68
CA ILE B 81 -7.94 -17.91 7.42
C ILE B 81 -6.54 -17.92 8.01
N ILE B 82 -5.61 -17.26 7.34
CA ILE B 82 -4.24 -17.18 7.76
C ILE B 82 -4.09 -16.20 8.92
N ASN B 83 -3.51 -16.71 10.02
CA ASN B 83 -3.03 -15.90 11.12
C ASN B 83 -1.69 -15.29 10.72
N HIS B 84 -0.67 -16.16 10.56
CA HIS B 84 0.62 -15.78 9.99
C HIS B 84 1.01 -16.81 8.94
N GLY B 85 1.61 -16.37 7.84
CA GLY B 85 2.10 -17.32 6.84
C GLY B 85 1.77 -16.96 5.37
N ALA B 86 1.45 -15.72 5.06
CA ALA B 86 1.00 -15.39 3.71
C ALA B 86 2.13 -15.59 2.68
N ARG B 87 3.38 -15.24 3.04
CA ARG B 87 4.50 -15.43 2.11
C ARG B 87 4.81 -16.91 1.96
N ARG B 88 4.68 -17.67 3.03
CA ARG B 88 4.88 -19.11 2.92
C ARG B 88 3.82 -19.71 2.02
N TYR B 89 2.60 -19.16 2.16
CA TYR B 89 1.46 -19.57 1.37
C TYR B 89 1.70 -19.29 -0.11
N ARG B 90 2.08 -18.05 -0.43
CA ARG B 90 2.26 -17.69 -1.83
C ARG B 90 3.48 -18.40 -2.41
N GLY B 91 4.54 -18.49 -1.60
CA GLY B 91 5.71 -19.26 -2.01
C GLY B 91 5.35 -20.72 -2.26
N SER B 92 4.45 -21.29 -1.46
CA SER B 92 4.06 -22.67 -1.68
C SER B 92 3.39 -22.82 -3.03
N LYS B 93 2.57 -21.84 -3.41
CA LYS B 93 1.87 -21.89 -4.70
C LYS B 93 2.88 -21.76 -5.84
N TRP B 94 3.81 -20.81 -5.69
CA TRP B 94 4.89 -20.61 -6.66
C TRP B 94 5.65 -21.90 -6.90
N ALA B 95 5.88 -22.68 -5.82
CA ALA B 95 6.68 -23.89 -5.88
C ALA B 95 5.88 -25.09 -6.37
N GLY B 96 4.59 -24.90 -6.65
CA GLY B 96 3.79 -25.98 -7.18
C GLY B 96 3.29 -26.94 -6.12
N LYS B 97 3.24 -26.48 -4.87
CA LYS B 97 2.79 -27.33 -3.77
C LYS B 97 1.26 -27.42 -3.77
N LYS B 98 0.74 -28.58 -3.36
CA LYS B 98 -0.71 -28.76 -3.26
C LYS B 98 -1.16 -28.50 -1.83
N SER B 99 -0.24 -28.59 -0.85
CA SER B 99 -0.58 -28.40 0.55
C SER B 99 0.51 -27.62 1.27
N ILE B 100 0.24 -27.22 2.52
CA ILE B 100 1.19 -26.47 3.32
C ILE B 100 1.08 -26.94 4.76
N PRO B 101 2.23 -27.11 5.46
CA PRO B 101 2.22 -27.48 6.87
C PRO B 101 1.59 -26.38 7.70
N ALA B 102 0.67 -26.74 8.59
CA ALA B 102 -0.02 -25.72 9.35
C ALA B 102 -0.47 -26.25 10.71
N PHE B 103 -0.70 -25.31 11.64
N PHE B 103 -0.72 -25.30 11.61
CA PHE B 103 -1.43 -25.61 12.86
CA PHE B 103 -1.39 -25.56 12.88
C PHE B 103 -2.61 -24.66 12.97
C PHE B 103 -2.62 -24.67 12.97
N ILE B 104 -3.63 -25.12 13.72
CA ILE B 104 -4.81 -24.34 13.96
C ILE B 104 -4.65 -23.62 15.30
N ASP B 105 -4.81 -22.29 15.29
CA ASP B 105 -4.90 -21.49 16.49
C ASP B 105 -6.07 -20.51 16.37
N ASN B 106 -7.15 -20.78 17.10
CA ASN B 106 -8.34 -19.93 17.05
C ASN B 106 -8.27 -18.79 18.04
N ASP B 107 -7.17 -18.68 18.78
CA ASP B 107 -7.04 -17.63 19.77
C ASP B 107 -5.91 -16.69 19.36
N TYR B 108 -6.06 -16.06 18.21
CA TYR B 108 -5.01 -15.29 17.58
C TYR B 108 -5.60 -13.95 17.15
N ASN B 109 -4.98 -12.83 17.52
CA ASN B 109 -5.56 -11.53 17.25
C ASN B 109 -4.65 -10.71 16.34
N GLU B 110 -5.05 -9.46 16.06
CA GLU B 110 -4.39 -8.66 15.04
C GLU B 110 -3.01 -8.25 15.55
N ALA B 111 -2.91 -7.97 16.84
CA ALA B 111 -1.64 -7.66 17.49
C ALA B 111 -0.62 -8.81 17.37
N ASP B 112 -1.09 -10.06 17.51
CA ASP B 112 -0.23 -11.22 17.37
C ASP B 112 0.41 -11.21 16.00
N GLN B 113 -0.31 -10.75 14.97
CA GLN B 113 0.22 -10.75 13.61
C GLN B 113 1.37 -9.76 13.52
N VAL B 114 1.32 -8.66 14.26
CA VAL B 114 2.43 -7.71 14.23
C VAL B 114 3.60 -8.28 15.04
N ILE B 115 3.31 -8.95 16.18
CA ILE B 115 4.33 -9.63 16.96
C ILE B 115 5.13 -10.63 16.11
N GLU B 116 4.46 -11.49 15.33
CA GLU B 116 5.10 -12.53 14.56
C GLU B 116 6.23 -11.93 13.73
N ASN B 117 6.06 -10.68 13.35
CA ASN B 117 6.92 -10.04 12.39
C ASN B 117 7.97 -9.16 13.09
N LEU B 118 7.61 -8.47 14.17
CA LEU B 118 8.53 -7.53 14.78
C LEU B 118 9.45 -8.24 15.79
N GLN B 119 9.01 -9.37 16.37
CA GLN B 119 9.73 -10.02 17.46
C GLN B 119 10.68 -11.06 16.87
N ARG B 120 11.68 -10.58 16.12
N ARG B 120 11.68 -10.59 16.11
CA ARG B 120 12.67 -11.46 15.53
CA ARG B 120 12.68 -11.47 15.53
C ARG B 120 13.90 -10.64 15.17
C ARG B 120 13.90 -10.64 15.17
N ASN B 121 15.05 -11.32 15.13
CA ASN B 121 16.35 -10.69 15.02
C ASN B 121 17.18 -11.41 13.97
N GLU B 122 17.93 -10.65 13.19
CA GLU B 122 18.72 -11.21 12.11
C GLU B 122 20.05 -11.79 12.64
N LEU B 123 20.60 -12.73 11.88
CA LEU B 123 22.02 -13.07 11.91
C LEU B 123 22.81 -11.84 11.47
N THR B 124 23.98 -11.64 12.06
CA THR B 124 24.85 -10.55 11.66
C THR B 124 25.51 -10.91 10.32
N PRO B 125 26.08 -9.93 9.60
CA PRO B 125 26.92 -10.24 8.44
C PRO B 125 28.05 -11.23 8.74
N ARG B 126 28.72 -11.04 9.87
CA ARG B 126 29.82 -11.93 10.29
C ARG B 126 29.30 -13.36 10.41
N GLU B 127 28.12 -13.54 11.01
CA GLU B 127 27.60 -14.87 11.22
C GLU B 127 27.24 -15.53 9.90
N ILE B 128 26.84 -14.74 8.93
CA ILE B 128 26.46 -15.27 7.62
C ILE B 128 27.73 -15.63 6.86
N ALA B 129 28.70 -14.72 6.86
CA ALA B 129 30.01 -15.01 6.26
C ALA B 129 30.60 -16.29 6.83
N ASP B 130 30.57 -16.44 8.16
CA ASP B 130 31.23 -17.58 8.80
C ASP B 130 30.50 -18.86 8.45
N PHE B 131 29.15 -18.81 8.30
CA PHE B 131 28.46 -20.00 7.83
C PHE B 131 28.95 -20.36 6.42
N ILE B 132 29.11 -19.35 5.56
CA ILE B 132 29.52 -19.59 4.19
C ILE B 132 30.92 -20.18 4.24
N GLY B 133 31.80 -19.57 5.04
CA GLY B 133 33.15 -20.06 5.32
C GLY B 133 33.18 -21.55 5.64
N ARG B 134 32.29 -22.00 6.54
CA ARG B 134 32.31 -23.39 6.97
C ARG B 134 31.94 -24.29 5.78
N GLU B 135 31.01 -23.82 4.93
CA GLU B 135 30.60 -24.58 3.76
C GLU B 135 31.72 -24.64 2.72
N LEU B 136 32.38 -23.51 2.46
CA LEU B 136 33.51 -23.49 1.55
C LEU B 136 34.62 -24.44 2.01
N ALA B 137 34.86 -24.50 3.32
CA ALA B 137 35.91 -25.33 3.90
C ALA B 137 35.62 -26.81 3.74
N LYS B 138 34.36 -27.16 3.47
CA LYS B 138 33.99 -28.55 3.22
C LYS B 138 34.05 -28.83 1.72
N GLY B 139 34.35 -27.80 0.93
CA GLY B 139 34.52 -27.95 -0.50
C GLY B 139 33.28 -27.60 -1.31
N LYS B 140 32.23 -27.09 -0.69
CA LYS B 140 31.01 -26.75 -1.42
C LYS B 140 31.25 -25.51 -2.26
N LYS B 141 30.73 -25.50 -3.51
CA LYS B 141 30.93 -24.37 -4.40
C LYS B 141 29.96 -23.25 -4.01
N LYS B 142 30.39 -22.00 -4.26
CA LYS B 142 29.61 -20.80 -3.99
C LYS B 142 28.20 -20.94 -4.54
N GLY B 143 28.08 -21.43 -5.75
CA GLY B 143 26.81 -21.59 -6.43
C GLY B 143 25.86 -22.50 -5.67
N ASP B 144 26.37 -23.58 -5.07
CA ASP B 144 25.52 -24.45 -4.26
C ASP B 144 25.23 -23.86 -2.89
N ILE B 145 26.09 -22.97 -2.41
CA ILE B 145 25.84 -22.36 -1.13
C ILE B 145 24.72 -21.35 -1.31
N ALA B 146 24.77 -20.56 -2.37
CA ALA B 146 23.66 -19.70 -2.79
C ALA B 146 22.34 -20.47 -2.82
N LYS B 147 22.30 -21.61 -3.50
CA LYS B 147 21.06 -22.34 -3.66
C LYS B 147 20.54 -22.79 -2.29
N GLU B 148 21.38 -23.34 -1.42
CA GLU B 148 20.85 -24.02 -0.24
C GLU B 148 20.33 -23.01 0.80
N ILE B 149 20.69 -21.71 0.66
CA ILE B 149 20.12 -20.71 1.53
C ILE B 149 19.18 -19.77 0.75
N GLY B 150 18.91 -20.05 -0.53
CA GLY B 150 17.93 -19.31 -1.26
C GLY B 150 18.35 -17.87 -1.54
N LYS B 151 19.65 -17.63 -1.68
CA LYS B 151 20.13 -16.29 -1.97
C LYS B 151 20.91 -16.28 -3.27
N SER B 152 21.27 -15.10 -3.72
CA SER B 152 21.91 -14.94 -5.02
C SER B 152 23.42 -15.09 -4.85
N PRO B 153 24.14 -15.47 -5.92
CA PRO B 153 25.60 -15.44 -5.94
C PRO B 153 26.18 -14.12 -5.49
N ALA B 154 25.55 -13.01 -5.84
CA ALA B 154 26.09 -11.71 -5.43
C ALA B 154 26.03 -11.55 -3.91
N PHE B 155 25.00 -12.14 -3.29
CA PHE B 155 24.89 -12.07 -1.84
C PHE B 155 26.03 -12.87 -1.18
N ILE B 156 26.32 -14.05 -1.73
CA ILE B 156 27.43 -14.87 -1.29
C ILE B 156 28.73 -14.07 -1.42
N THR B 157 28.99 -13.53 -2.61
CA THR B 157 30.19 -12.76 -2.87
C THR B 157 30.37 -11.67 -1.82
N GLN B 158 29.33 -10.92 -1.52
CA GLN B 158 29.47 -9.76 -0.65
C GLN B 158 29.86 -10.21 0.76
N HIS B 159 29.37 -11.37 1.20
CA HIS B 159 29.67 -11.90 2.52
C HIS B 159 31.07 -12.55 2.55
N VAL B 160 31.45 -13.24 1.47
CA VAL B 160 32.75 -13.85 1.36
C VAL B 160 33.84 -12.82 1.54
N THR B 161 33.63 -11.58 1.08
CA THR B 161 34.60 -10.51 1.31
C THR B 161 35.00 -10.42 2.78
N LEU B 162 34.08 -10.75 3.70
CA LEU B 162 34.32 -10.57 5.11
C LEU B 162 35.29 -11.63 5.66
N LEU B 163 35.57 -12.69 4.89
CA LEU B 163 36.41 -13.79 5.34
C LEU B 163 37.89 -13.49 5.19
N ASP B 164 38.25 -12.38 4.52
CA ASP B 164 39.66 -12.09 4.30
C ASP B 164 39.86 -10.58 4.21
N LEU B 165 39.48 -9.88 5.25
CA LEU B 165 39.51 -8.43 5.21
C LEU B 165 40.93 -7.95 5.40
N PRO B 166 41.38 -6.92 4.65
CA PRO B 166 42.59 -6.20 4.99
C PRO B 166 42.60 -5.82 6.47
N GLU B 167 43.79 -5.61 7.03
CA GLU B 167 43.94 -5.58 8.48
C GLU B 167 43.15 -4.40 9.07
N LYS B 168 43.39 -3.19 8.55
CA LYS B 168 42.81 -2.00 9.13
C LYS B 168 41.28 -2.01 8.99
N ILE B 169 40.76 -2.54 7.87
CA ILE B 169 39.33 -2.63 7.65
C ILE B 169 38.73 -3.67 8.58
N ALA B 170 39.47 -4.75 8.84
CA ALA B 170 39.00 -5.77 9.78
C ALA B 170 38.76 -5.15 11.16
N ASP B 171 39.71 -4.34 11.63
CA ASP B 171 39.61 -3.69 12.94
C ASP B 171 38.33 -2.86 13.00
N ALA B 172 38.13 -2.02 11.97
CA ALA B 172 36.97 -1.14 11.91
C ALA B 172 35.68 -1.96 11.89
N PHE B 173 35.71 -3.13 11.25
CA PHE B 173 34.53 -3.97 11.18
C PHE B 173 34.24 -4.60 12.53
N ASN B 174 35.30 -5.06 13.22
CA ASN B 174 35.16 -5.80 14.47
C ASN B 174 34.76 -4.87 15.60
N THR B 175 35.35 -3.67 15.66
CA THR B 175 35.02 -2.68 16.68
C THR B 175 33.62 -2.12 16.47
N GLY B 176 32.99 -2.37 15.32
CA GLY B 176 31.64 -1.86 15.04
C GLY B 176 31.66 -0.46 14.41
N ARG B 177 32.85 0.07 14.10
CA ARG B 177 32.99 1.38 13.47
C ARG B 177 32.32 1.42 12.10
N VAL B 178 32.17 0.25 11.46
CA VAL B 178 31.32 0.06 10.29
C VAL B 178 30.71 -1.34 10.41
N ARG B 179 29.43 -1.49 10.08
CA ARG B 179 28.77 -2.76 10.28
C ARG B 179 28.11 -3.27 9.00
N ASP B 180 27.84 -2.37 8.04
CA ASP B 180 27.08 -2.77 6.86
C ASP B 180 27.98 -3.46 5.83
N VAL B 181 27.58 -4.66 5.43
CA VAL B 181 28.34 -5.47 4.50
C VAL B 181 28.60 -4.71 3.19
N THR B 182 27.60 -3.99 2.68
CA THR B 182 27.76 -3.26 1.44
C THR B 182 28.87 -2.22 1.56
N VAL B 183 28.91 -1.52 2.70
CA VAL B 183 29.89 -0.46 2.85
C VAL B 183 31.29 -1.07 2.99
N VAL B 184 31.38 -2.21 3.65
CA VAL B 184 32.64 -2.89 3.86
C VAL B 184 33.18 -3.32 2.50
N ASN B 185 32.33 -3.92 1.67
CA ASN B 185 32.74 -4.27 0.31
C ASN B 185 33.26 -3.05 -0.45
N GLU B 186 32.56 -1.91 -0.36
CA GLU B 186 32.96 -0.72 -1.09
C GLU B 186 34.33 -0.24 -0.59
N LEU B 187 34.60 -0.47 0.69
CA LEU B 187 35.81 0.01 1.34
C LEU B 187 36.99 -0.90 0.95
N VAL B 188 36.74 -2.20 0.83
CA VAL B 188 37.73 -3.14 0.32
C VAL B 188 38.08 -2.77 -1.12
N THR B 189 37.07 -2.64 -1.97
CA THR B 189 37.28 -2.32 -3.38
C THR B 189 38.14 -1.07 -3.53
N ALA B 190 37.98 -0.11 -2.62
CA ALA B 190 38.81 1.10 -2.65
C ALA B 190 40.23 0.76 -2.20
N PHE B 191 40.35 -0.10 -1.17
CA PHE B 191 41.63 -0.48 -0.60
C PHE B 191 42.51 -1.17 -1.65
N LYS B 192 41.90 -2.02 -2.49
CA LYS B 192 42.62 -2.75 -3.52
C LYS B 192 43.37 -1.78 -4.43
N LYS B 193 42.70 -0.69 -4.82
CA LYS B 193 43.23 0.25 -5.80
C LYS B 193 44.16 1.26 -5.15
N ARG B 194 43.90 1.65 -3.89
CA ARG B 194 44.70 2.69 -3.24
C ARG B 194 44.88 2.37 -1.76
N PRO B 195 45.71 1.37 -1.37
CA PRO B 195 45.76 0.89 0.01
C PRO B 195 46.31 1.89 1.02
N GLU B 196 47.33 2.65 0.63
CA GLU B 196 47.96 3.59 1.54
C GLU B 196 46.95 4.69 1.92
N GLU B 197 46.13 5.11 0.95
CA GLU B 197 45.26 6.28 1.11
C GLU B 197 44.03 5.92 1.95
N VAL B 198 43.53 4.68 1.79
CA VAL B 198 42.42 4.18 2.58
C VAL B 198 42.86 3.94 4.03
N GLU B 199 44.09 3.47 4.23
CA GLU B 199 44.59 3.23 5.59
C GLU B 199 44.69 4.56 6.35
N ALA B 200 45.14 5.62 5.68
CA ALA B 200 45.30 6.93 6.29
C ALA B 200 43.94 7.59 6.55
N TRP B 201 42.91 7.21 5.78
CA TRP B 201 41.56 7.70 5.97
C TRP B 201 40.93 7.06 7.19
N LEU B 202 41.24 5.77 7.44
CA LEU B 202 40.75 5.04 8.61
C LEU B 202 41.52 5.45 9.87
N ASP B 203 42.74 5.94 9.71
CA ASP B 203 43.61 6.30 10.82
C ASP B 203 43.12 7.57 11.51
N ASP B 204 42.22 8.32 10.86
CA ASP B 204 41.61 9.51 11.43
C ASP B 204 40.43 9.08 12.30
N ASP B 205 40.44 9.52 13.56
CA ASP B 205 39.43 9.10 14.52
C ASP B 205 38.10 9.83 14.30
N THR B 206 38.16 11.06 13.76
CA THR B 206 36.98 11.86 13.52
C THR B 206 36.15 11.31 12.36
N GLN B 207 36.79 10.51 11.50
CA GLN B 207 36.20 10.04 10.25
C GLN B 207 35.21 8.92 10.52
N GLU B 208 33.92 9.23 10.35
CA GLU B 208 32.87 8.23 10.42
C GLU B 208 32.81 7.46 9.11
N ILE B 209 32.28 6.23 9.17
CA ILE B 209 32.24 5.34 8.03
C ILE B 209 30.79 5.04 7.68
N THR B 210 30.29 5.66 6.60
CA THR B 210 28.90 5.50 6.17
C THR B 210 28.87 5.33 4.65
N ARG B 211 27.73 4.83 4.13
CA ARG B 211 27.50 4.74 2.69
C ARG B 211 27.97 6.06 2.04
N GLY B 212 27.71 7.19 2.72
CA GLY B 212 28.01 8.52 2.20
C GLY B 212 29.49 8.88 2.19
N THR B 213 30.18 8.67 3.32
CA THR B 213 31.58 9.06 3.44
C THR B 213 32.44 8.22 2.50
N VAL B 214 32.05 6.96 2.31
CA VAL B 214 32.78 6.06 1.44
C VAL B 214 32.56 6.47 -0.01
N LYS B 215 31.31 6.84 -0.38
CA LYS B 215 31.03 7.41 -1.69
C LYS B 215 31.92 8.64 -1.96
N LEU B 216 32.19 9.44 -0.92
CA LEU B 216 33.05 10.61 -1.03
C LEU B 216 34.51 10.20 -1.26
N LEU B 217 34.91 9.10 -0.61
CA LEU B 217 36.27 8.58 -0.70
C LEU B 217 36.52 8.00 -2.08
N ARG B 218 35.55 7.25 -2.61
CA ARG B 218 35.67 6.64 -3.94
C ARG B 218 35.97 7.73 -4.96
N GLU B 219 35.20 8.83 -4.89
CA GLU B 219 35.31 9.92 -5.84
C GLU B 219 36.66 10.64 -5.68
N PHE B 220 37.09 10.85 -4.43
CA PHE B 220 38.37 11.53 -4.18
C PHE B 220 39.49 10.75 -4.87
N LEU B 221 39.37 9.41 -4.94
CA LEU B 221 40.46 8.55 -5.40
C LEU B 221 40.48 8.45 -6.93
N ASP B 222 39.31 8.67 -7.57
CA ASP B 222 39.14 8.49 -9.01
C ASP B 222 39.66 9.73 -9.75
N GLU B 223 40.12 10.75 -8.99
CA GLU B 223 40.73 11.95 -9.53
C GLU B 223 42.26 11.84 -9.60
N LYS B 224 42.85 11.32 -8.52
CA LYS B 224 44.29 11.42 -8.31
C LYS B 224 45.04 10.72 -9.45
N GLY C 23 -18.79 45.30 5.32
CA GLY C 23 -19.74 44.25 5.70
C GLY C 23 -19.47 42.88 5.03
N PRO C 24 -20.48 41.97 4.97
CA PRO C 24 -20.35 40.68 4.31
C PRO C 24 -20.48 40.83 2.79
N ILE C 25 -19.99 39.85 2.05
CA ILE C 25 -20.04 39.83 0.60
C ILE C 25 -21.25 38.99 0.22
N GLU C 26 -22.00 39.42 -0.80
CA GLU C 26 -23.05 38.57 -1.36
C GLU C 26 -22.39 37.65 -2.39
N LEU C 27 -22.26 36.37 -2.07
CA LEU C 27 -21.49 35.46 -2.90
C LEU C 27 -22.42 34.56 -3.71
N ASP C 28 -22.20 34.51 -5.03
CA ASP C 28 -22.95 33.66 -5.94
C ASP C 28 -22.85 32.20 -5.46
N LEU C 29 -24.01 31.53 -5.32
CA LEU C 29 -24.05 30.14 -4.87
C LEU C 29 -23.28 29.20 -5.80
N ASP C 30 -23.28 29.56 -7.09
CA ASP C 30 -22.58 28.80 -8.12
C ASP C 30 -21.08 28.71 -7.88
N LEU C 31 -20.52 29.59 -7.06
CA LEU C 31 -19.08 29.63 -6.87
C LEU C 31 -18.67 28.86 -5.60
N ILE C 32 -19.64 28.22 -4.92
CA ILE C 32 -19.39 27.69 -3.59
C ILE C 32 -19.59 26.19 -3.60
N ASP C 33 -18.62 25.47 -3.03
CA ASP C 33 -18.72 24.03 -2.84
C ASP C 33 -18.68 23.70 -1.36
N GLU C 34 -19.43 22.66 -1.00
CA GLU C 34 -19.37 22.11 0.34
C GLU C 34 -18.01 21.45 0.56
N ASP C 35 -17.60 21.42 1.83
CA ASP C 35 -16.38 20.74 2.25
C ASP C 35 -16.72 19.27 2.48
N PRO C 36 -16.13 18.35 1.72
CA PRO C 36 -16.50 16.94 1.85
C PRO C 36 -15.96 16.29 3.13
N HIS C 37 -15.08 16.98 3.87
CA HIS C 37 -14.58 16.50 5.16
C HIS C 37 -15.18 17.25 6.35
N GLN C 38 -16.29 17.99 6.12
N GLN C 38 -16.28 18.00 6.12
CA GLN C 38 -17.02 18.69 7.16
CA GLN C 38 -16.97 18.71 7.18
C GLN C 38 -17.43 17.65 8.19
C GLN C 38 -17.43 17.66 8.20
N PRO C 39 -17.55 17.99 9.50
CA PRO C 39 -17.95 17.00 10.49
C PRO C 39 -19.39 16.51 10.44
N ARG C 40 -20.29 17.29 9.82
CA ARG C 40 -21.67 16.85 9.68
C ARG C 40 -21.78 15.89 8.50
N THR C 41 -22.26 14.67 8.75
CA THR C 41 -22.36 13.67 7.70
C THR C 41 -23.75 13.67 7.07
N ALA C 42 -23.89 12.87 6.01
CA ALA C 42 -25.07 12.86 5.16
C ALA C 42 -26.34 12.49 5.92
N ASP C 43 -26.22 11.60 6.90
CA ASP C 43 -27.41 11.09 7.60
C ASP C 43 -27.74 12.00 8.79
N ASN C 44 -27.05 13.14 8.98
CA ASN C 44 -27.35 14.02 10.10
C ASN C 44 -28.76 14.59 9.96
N PRO C 45 -29.60 14.56 11.04
CA PRO C 45 -30.96 15.12 10.97
C PRO C 45 -31.04 16.50 10.35
N GLY C 46 -29.99 17.30 10.52
CA GLY C 46 -29.96 18.67 10.02
C GLY C 46 -29.84 18.77 8.50
N PHE C 47 -29.56 17.65 7.81
CA PHE C 47 -29.54 17.65 6.36
C PHE C 47 -30.78 16.96 5.78
N SER C 48 -31.74 16.56 6.61
CA SER C 48 -32.98 15.98 6.15
C SER C 48 -33.78 17.04 5.36
N PRO C 49 -34.61 16.62 4.39
CA PRO C 49 -35.48 17.54 3.66
C PRO C 49 -36.26 18.47 4.58
N GLU C 50 -36.88 17.92 5.62
CA GLU C 50 -37.69 18.71 6.55
C GLU C 50 -36.85 19.81 7.18
N SER C 51 -35.61 19.49 7.59
CA SER C 51 -34.80 20.45 8.29
C SER C 51 -34.32 21.55 7.36
N ILE C 52 -33.94 21.19 6.14
CA ILE C 52 -33.52 22.21 5.17
C ILE C 52 -34.72 23.09 4.80
N ALA C 53 -35.92 22.51 4.76
CA ALA C 53 -37.12 23.29 4.44
C ALA C 53 -37.40 24.28 5.55
N GLU C 54 -37.11 23.87 6.80
CA GLU C 54 -37.38 24.71 7.96
C GLU C 54 -36.45 25.90 7.98
N ILE C 55 -35.13 25.70 7.81
CA ILE C 55 -34.24 26.84 7.81
C ILE C 55 -34.47 27.65 6.55
N GLY C 56 -34.77 26.94 5.46
CA GLY C 56 -34.99 27.59 4.17
C GLY C 56 -36.15 28.59 4.22
N ALA C 57 -37.23 28.27 4.93
CA ALA C 57 -38.37 29.19 4.99
C ALA C 57 -37.94 30.47 5.69
N THR C 58 -37.14 30.37 6.76
CA THR C 58 -36.69 31.57 7.44
C THR C 58 -35.75 32.37 6.53
N ILE C 59 -35.00 31.71 5.66
CA ILE C 59 -34.12 32.41 4.74
C ILE C 59 -34.93 33.08 3.64
N LYS C 60 -35.97 32.41 3.15
CA LYS C 60 -36.85 33.01 2.15
C LYS C 60 -37.45 34.30 2.71
N GLU C 61 -37.90 34.25 3.97
CA GLU C 61 -38.52 35.39 4.63
C GLU C 61 -37.52 36.47 5.04
N ARG C 62 -36.45 36.09 5.77
CA ARG C 62 -35.64 37.06 6.51
C ARG C 62 -34.22 37.21 5.95
N GLY C 63 -33.80 36.24 5.11
CA GLY C 63 -32.44 36.18 4.63
C GLY C 63 -31.57 35.33 5.57
N VAL C 64 -30.35 35.06 5.13
CA VAL C 64 -29.36 34.49 6.03
C VAL C 64 -28.89 35.63 6.92
N LYS C 65 -29.08 35.43 8.23
CA LYS C 65 -28.78 36.49 9.20
C LYS C 65 -27.36 36.38 9.74
N SER C 66 -26.76 35.18 9.71
CA SER C 66 -25.37 34.97 10.12
C SER C 66 -24.57 34.53 8.90
N PRO C 67 -23.79 35.44 8.28
CA PRO C 67 -23.11 35.11 7.03
C PRO C 67 -22.26 33.86 7.17
N ILE C 68 -22.15 33.07 6.11
CA ILE C 68 -21.34 31.87 6.17
C ILE C 68 -19.87 32.26 6.05
N SER C 69 -18.98 31.32 6.41
CA SER C 69 -17.55 31.51 6.28
C SER C 69 -17.05 30.60 5.18
N VAL C 70 -16.28 31.16 4.23
CA VAL C 70 -15.70 30.36 3.17
C VAL C 70 -14.20 30.63 3.07
N ARG C 71 -13.50 29.68 2.45
CA ARG C 71 -12.11 29.85 2.06
C ARG C 71 -11.95 29.75 0.54
N GLU C 72 -10.97 30.48 0.02
CA GLU C 72 -10.68 30.49 -1.41
C GLU C 72 -10.15 29.13 -1.77
N ASN C 73 -10.68 28.53 -2.83
CA ASN C 73 -10.21 27.24 -3.29
C ASN C 73 -8.88 27.43 -4.04
N GLN C 74 -7.78 26.87 -3.50
CA GLN C 74 -6.46 26.94 -4.12
C GLN C 74 -6.45 26.18 -5.44
N GLU C 75 -7.20 25.08 -5.50
CA GLU C 75 -7.22 24.13 -6.60
C GLU C 75 -8.04 24.69 -7.76
N GLN C 76 -9.10 25.46 -7.49
CA GLN C 76 -9.97 25.96 -8.55
C GLN C 76 -10.19 27.45 -8.35
N PRO C 77 -9.31 28.30 -8.92
CA PRO C 77 -9.40 29.74 -8.70
C PRO C 77 -10.77 30.28 -9.08
N GLY C 78 -11.24 31.25 -8.30
CA GLY C 78 -12.55 31.86 -8.53
C GLY C 78 -13.63 31.25 -7.64
N ARG C 79 -13.35 30.07 -7.05
CA ARG C 79 -14.35 29.30 -6.32
C ARG C 79 -14.00 29.29 -4.84
N TYR C 80 -14.94 28.81 -4.01
CA TYR C 80 -14.81 28.86 -2.56
C TYR C 80 -15.25 27.53 -1.95
N ILE C 81 -14.65 27.18 -0.81
CA ILE C 81 -15.08 26.04 -0.01
C ILE C 81 -15.66 26.54 1.30
N ILE C 82 -16.69 25.84 1.79
CA ILE C 82 -17.38 26.24 3.00
C ILE C 82 -16.55 25.83 4.21
N ASN C 83 -16.26 26.82 5.06
CA ASN C 83 -15.76 26.62 6.40
C ASN C 83 -16.93 26.18 7.30
N HIS C 84 -17.88 27.09 7.53
CA HIS C 84 -19.15 26.76 8.18
C HIS C 84 -20.28 27.39 7.37
N GLY C 85 -21.41 26.68 7.25
CA GLY C 85 -22.57 27.23 6.58
C GLY C 85 -23.29 26.30 5.59
N ALA C 86 -23.10 24.98 5.68
CA ALA C 86 -23.66 24.11 4.65
C ALA C 86 -25.20 24.13 4.69
N ARG C 87 -25.79 24.17 5.88
CA ARG C 87 -27.24 24.19 6.02
C ARG C 87 -27.78 25.53 5.53
N ARG C 88 -27.08 26.63 5.82
CA ARG C 88 -27.49 27.91 5.33
C ARG C 88 -27.45 27.92 3.80
N TYR C 89 -26.42 27.26 3.28
CA TYR C 89 -26.21 27.12 1.85
C TYR C 89 -27.34 26.34 1.22
N ARG C 90 -27.66 25.16 1.77
CA ARG C 90 -28.72 24.33 1.19
C ARG C 90 -30.08 25.01 1.35
N GLY C 91 -30.28 25.61 2.53
CA GLY C 91 -31.49 26.39 2.76
C GLY C 91 -31.60 27.55 1.78
N SER C 92 -30.49 28.18 1.44
CA SER C 92 -30.53 29.28 0.50
C SER C 92 -31.00 28.78 -0.86
N LYS C 93 -30.56 27.59 -1.27
CA LYS C 93 -30.96 27.03 -2.55
C LYS C 93 -32.44 26.69 -2.51
N TRP C 94 -32.88 26.06 -1.41
CA TRP C 94 -34.28 25.72 -1.20
C TRP C 94 -35.17 26.96 -1.36
N ALA C 95 -34.69 28.11 -0.86
CA ALA C 95 -35.43 29.34 -0.82
C ALA C 95 -35.35 30.10 -2.14
N GLY C 96 -34.61 29.56 -3.11
CA GLY C 96 -34.54 30.15 -4.44
C GLY C 96 -33.59 31.34 -4.49
N LYS C 97 -32.64 31.41 -3.55
CA LYS C 97 -31.70 32.50 -3.50
C LYS C 97 -30.62 32.32 -4.55
N LYS C 98 -30.11 33.43 -5.07
CA LYS C 98 -29.07 33.38 -6.09
C LYS C 98 -27.70 33.56 -5.42
N SER C 99 -27.66 34.18 -4.24
CA SER C 99 -26.42 34.44 -3.54
C SER C 99 -26.61 34.23 -2.04
N ILE C 100 -25.50 34.28 -1.30
CA ILE C 100 -25.52 34.08 0.14
C ILE C 100 -24.50 35.03 0.77
N PRO C 101 -24.86 35.65 1.90
CA PRO C 101 -23.94 36.52 2.63
C PRO C 101 -22.77 35.71 3.17
N ALA C 102 -21.55 36.20 2.97
CA ALA C 102 -20.40 35.42 3.37
C ALA C 102 -19.21 36.31 3.72
N PHE C 103 -18.30 35.77 4.53
N PHE C 103 -18.30 35.75 4.52
CA PHE C 103 -16.98 36.34 4.69
CA PHE C 103 -16.99 36.32 4.74
C PHE C 103 -15.93 35.31 4.30
C PHE C 103 -15.93 35.31 4.30
N ILE C 104 -14.78 35.81 3.87
CA ILE C 104 -13.65 34.97 3.51
C ILE C 104 -12.73 34.86 4.72
N ASP C 105 -12.44 33.61 5.11
CA ASP C 105 -11.47 33.32 6.15
C ASP C 105 -10.59 32.15 5.69
N ASN C 106 -9.35 32.46 5.32
CA ASN C 106 -8.44 31.44 4.83
C ASN C 106 -7.65 30.80 5.96
N ASP C 107 -7.90 31.23 7.21
CA ASP C 107 -7.18 30.70 8.36
C ASP C 107 -8.14 29.93 9.24
N TYR C 108 -8.70 28.86 8.69
CA TYR C 108 -9.81 28.13 9.28
C TYR C 108 -9.50 26.66 9.16
N ASN C 109 -9.55 25.90 10.25
CA ASN C 109 -9.11 24.51 10.21
C ASN C 109 -10.27 23.59 10.61
N GLU C 110 -10.01 22.28 10.68
CA GLU C 110 -11.06 21.29 10.82
C GLU C 110 -11.65 21.41 12.22
N ALA C 111 -10.81 21.69 13.21
CA ALA C 111 -11.24 21.87 14.57
C ALA C 111 -12.19 23.06 14.70
N ASP C 112 -11.93 24.15 13.98
CA ASP C 112 -12.79 25.32 14.00
C ASP C 112 -14.20 24.91 13.58
N GLN C 113 -14.33 23.97 12.64
CA GLN C 113 -15.64 23.53 12.18
C GLN C 113 -16.39 22.84 13.31
N VAL C 114 -15.68 22.11 14.17
CA VAL C 114 -16.34 21.46 15.29
C VAL C 114 -16.68 22.49 16.36
N ILE C 115 -15.80 23.47 16.59
CA ILE C 115 -16.09 24.60 17.47
C ILE C 115 -17.40 25.30 17.08
N GLU C 116 -17.57 25.67 15.80
CA GLU C 116 -18.72 26.43 15.32
C GLU C 116 -20.00 25.77 15.82
N ASN C 117 -19.96 24.45 15.98
CA ASN C 117 -21.14 23.68 16.20
C ASN C 117 -21.30 23.34 17.70
N LEU C 118 -20.19 23.04 18.41
CA LEU C 118 -20.31 22.56 19.77
C LEU C 118 -20.36 23.73 20.75
N GLN C 119 -19.77 24.88 20.40
CA GLN C 119 -19.67 26.01 21.31
C GLN C 119 -20.90 26.92 21.18
N ARG C 120 -22.08 26.37 21.47
N ARG C 120 -22.09 26.36 21.45
CA ARG C 120 -23.30 27.16 21.53
CA ARG C 120 -23.29 27.17 21.54
C ARG C 120 -24.30 26.48 22.48
C ARG C 120 -24.30 26.48 22.47
N ASN C 121 -25.25 27.29 22.94
CA ASN C 121 -26.18 26.88 23.97
C ASN C 121 -27.58 27.35 23.58
N GLU C 122 -28.53 26.46 23.84
CA GLU C 122 -29.89 26.65 23.43
C GLU C 122 -30.61 27.61 24.40
N LEU C 123 -31.65 28.26 23.89
CA LEU C 123 -32.68 28.83 24.73
C LEU C 123 -33.38 27.68 25.43
N THR C 124 -33.78 27.89 26.69
CA THR C 124 -34.52 26.87 27.39
C THR C 124 -35.94 26.82 26.84
N PRO C 125 -36.69 25.71 27.06
CA PRO C 125 -38.11 25.68 26.71
C PRO C 125 -38.89 26.84 27.35
N ARG C 126 -38.59 27.15 28.61
CA ARG C 126 -39.25 28.25 29.28
C ARG C 126 -39.01 29.56 28.55
N GLU C 127 -37.78 29.80 28.12
CA GLU C 127 -37.45 31.07 27.44
C GLU C 127 -38.17 31.15 26.09
N ILE C 128 -38.43 30.00 25.46
CA ILE C 128 -39.10 29.96 24.18
C ILE C 128 -40.60 30.21 24.41
N ALA C 129 -41.17 29.55 25.41
CA ALA C 129 -42.54 29.79 25.82
C ALA C 129 -42.76 31.26 26.14
N ASP C 130 -41.85 31.87 26.89
CA ASP C 130 -42.01 33.25 27.32
C ASP C 130 -41.95 34.19 26.11
N PHE C 131 -41.11 33.86 25.12
CA PHE C 131 -41.13 34.64 23.91
C PHE C 131 -42.50 34.56 23.23
N ILE C 132 -43.04 33.34 23.16
CA ILE C 132 -44.33 33.13 22.53
C ILE C 132 -45.39 33.94 23.30
N GLY C 133 -45.32 33.84 24.64
CA GLY C 133 -46.16 34.61 25.54
C GLY C 133 -46.16 36.10 25.22
N ARG C 134 -44.98 36.69 25.00
CA ARG C 134 -44.90 38.12 24.75
C ARG C 134 -45.60 38.46 23.42
N GLU C 135 -45.49 37.54 22.44
CA GLU C 135 -46.12 37.73 21.14
C GLU C 135 -47.64 37.62 21.27
N LEU C 136 -48.12 36.59 21.98
CA LEU C 136 -49.55 36.45 22.21
C LEU C 136 -50.14 37.68 22.92
N ALA C 137 -49.39 38.25 23.85
CA ALA C 137 -49.81 39.40 24.63
C ALA C 137 -49.95 40.64 23.77
N LYS C 138 -49.30 40.65 22.60
CA LYS C 138 -49.42 41.74 21.66
C LYS C 138 -50.56 41.46 20.67
N GLY C 139 -51.15 40.28 20.77
CA GLY C 139 -52.32 39.92 19.99
C GLY C 139 -51.97 39.10 18.76
N LYS C 140 -50.73 38.65 18.62
CA LYS C 140 -50.34 37.92 17.42
C LYS C 140 -50.92 36.51 17.45
N LYS C 141 -51.33 36.00 16.29
CA LYS C 141 -51.92 34.68 16.18
C LYS C 141 -50.81 33.64 16.18
N LYS C 142 -51.14 32.45 16.69
CA LYS C 142 -50.22 31.34 16.84
C LYS C 142 -49.56 31.04 15.49
N GLY C 143 -50.38 31.02 14.44
CA GLY C 143 -49.96 30.74 13.09
C GLY C 143 -48.85 31.68 12.62
N ASP C 144 -48.97 32.97 12.97
CA ASP C 144 -47.97 33.96 12.59
C ASP C 144 -46.71 33.84 13.45
N ILE C 145 -46.87 33.33 14.69
CA ILE C 145 -45.74 33.20 15.59
C ILE C 145 -44.89 32.03 15.07
N ALA C 146 -45.55 30.93 14.69
CA ALA C 146 -44.91 29.81 14.01
C ALA C 146 -44.05 30.32 12.86
N LYS C 147 -44.65 31.09 11.96
CA LYS C 147 -43.94 31.48 10.75
C LYS C 147 -42.72 32.33 11.10
N GLU C 148 -42.83 33.29 12.02
CA GLU C 148 -41.75 34.25 12.17
C GLU C 148 -40.53 33.63 12.85
N ILE C 149 -40.66 32.43 13.47
CA ILE C 149 -39.50 31.74 14.00
C ILE C 149 -39.22 30.44 13.22
N GLY C 150 -39.95 30.19 12.14
CA GLY C 150 -39.65 29.06 11.29
C GLY C 150 -39.98 27.71 11.93
N LYS C 151 -40.96 27.65 12.81
CA LYS C 151 -41.35 26.40 13.43
C LYS C 151 -42.79 26.06 13.11
N SER C 152 -43.21 24.86 13.50
CA SER C 152 -44.54 24.37 13.17
C SER C 152 -45.54 24.85 14.22
N PRO C 153 -46.84 24.95 13.86
CA PRO C 153 -47.89 25.27 14.84
C PRO C 153 -47.86 24.34 16.07
N ALA C 154 -47.56 23.06 15.83
CA ALA C 154 -47.52 22.10 16.92
C ALA C 154 -46.40 22.45 17.90
N PHE C 155 -45.31 23.01 17.42
CA PHE C 155 -44.21 23.43 18.27
C PHE C 155 -44.67 24.59 19.17
N ILE C 156 -45.41 25.54 18.60
CA ILE C 156 -45.95 26.65 19.36
C ILE C 156 -46.88 26.13 20.45
N THR C 157 -47.83 25.28 20.04
CA THR C 157 -48.79 24.70 20.97
C THR C 157 -48.06 24.08 22.17
N GLN C 158 -47.03 23.27 21.86
CA GLN C 158 -46.37 22.49 22.89
C GLN C 158 -45.69 23.36 23.91
N HIS C 159 -45.13 24.49 23.45
CA HIS C 159 -44.46 25.42 24.33
C HIS C 159 -45.45 26.26 25.14
N VAL C 160 -46.58 26.65 24.52
CA VAL C 160 -47.57 27.42 25.24
C VAL C 160 -48.02 26.66 26.51
N THR C 161 -48.14 25.34 26.39
CA THR C 161 -48.51 24.52 27.54
C THR C 161 -47.60 24.79 28.74
N LEU C 162 -46.34 25.19 28.52
CA LEU C 162 -45.39 25.39 29.61
C LEU C 162 -45.72 26.63 30.45
N LEU C 163 -46.62 27.50 29.96
CA LEU C 163 -46.95 28.74 30.65
C LEU C 163 -48.00 28.53 31.74
N ASP C 164 -48.55 27.32 31.88
CA ASP C 164 -49.68 27.03 32.75
C ASP C 164 -49.58 25.57 33.22
N LEU C 165 -48.42 25.17 33.77
CA LEU C 165 -48.26 23.76 34.12
C LEU C 165 -48.98 23.52 35.44
N PRO C 166 -49.75 22.42 35.59
CA PRO C 166 -50.23 22.00 36.90
C PRO C 166 -49.04 21.93 37.86
N GLU C 167 -49.32 22.00 39.16
CA GLU C 167 -48.30 22.17 40.17
C GLU C 167 -47.30 21.01 40.14
N LYS C 168 -47.82 19.78 40.24
CA LYS C 168 -46.97 18.60 40.36
C LYS C 168 -46.13 18.39 39.10
N ILE C 169 -46.70 18.69 37.93
CA ILE C 169 -46.02 18.53 36.65
C ILE C 169 -44.93 19.60 36.54
N ALA C 170 -45.21 20.80 37.06
CA ALA C 170 -44.21 21.86 37.05
C ALA C 170 -42.96 21.41 37.81
N ASP C 171 -43.16 20.83 39.01
CA ASP C 171 -42.06 20.37 39.84
C ASP C 171 -41.21 19.38 39.05
N ALA C 172 -41.86 18.38 38.45
CA ALA C 172 -41.19 17.33 37.71
C ALA C 172 -40.39 17.94 36.56
N PHE C 173 -40.94 19.00 35.94
CA PHE C 173 -40.25 19.62 34.82
C PHE C 173 -39.02 20.39 35.31
N ASN C 174 -39.16 21.09 36.44
CA ASN C 174 -38.12 21.97 36.95
C ASN C 174 -36.97 21.16 37.54
N THR C 175 -37.29 20.08 38.27
CA THR C 175 -36.28 19.22 38.88
C THR C 175 -35.53 18.43 37.80
N GLY C 176 -36.04 18.40 36.55
CA GLY C 176 -35.39 17.68 35.47
C GLY C 176 -35.85 16.23 35.36
N ARG C 177 -36.84 15.82 36.19
CA ARG C 177 -37.38 14.47 36.15
C ARG C 177 -37.98 14.15 34.78
N VAL C 178 -38.45 15.18 34.07
CA VAL C 178 -38.85 15.07 32.68
C VAL C 178 -38.40 16.35 31.99
N ARG C 179 -37.82 16.19 30.79
CA ARG C 179 -37.26 17.36 30.11
C ARG C 179 -37.88 17.55 28.72
N ASP C 180 -38.46 16.49 28.14
CA ASP C 180 -38.99 16.58 26.80
C ASP C 180 -40.38 17.23 26.79
N VAL C 181 -40.50 18.32 26.02
CA VAL C 181 -41.71 19.12 25.96
C VAL C 181 -42.89 18.26 25.48
N THR C 182 -42.65 17.37 24.53
CA THR C 182 -43.72 16.51 24.02
C THR C 182 -44.27 15.62 25.15
N VAL C 183 -43.39 15.12 25.99
CA VAL C 183 -43.82 14.22 27.06
C VAL C 183 -44.60 15.01 28.11
N VAL C 184 -44.15 16.25 28.37
CA VAL C 184 -44.82 17.12 29.32
C VAL C 184 -46.24 17.39 28.84
N ASN C 185 -46.40 17.70 27.55
CA ASN C 185 -47.72 17.90 26.97
C ASN C 185 -48.60 16.68 27.14
N GLU C 186 -48.04 15.49 26.88
CA GLU C 186 -48.83 14.26 26.98
C GLU C 186 -49.27 14.05 28.44
N LEU C 187 -48.45 14.51 29.38
CA LEU C 187 -48.70 14.33 30.79
C LEU C 187 -49.77 15.32 31.27
N VAL C 188 -49.75 16.55 30.72
CA VAL C 188 -50.80 17.53 30.98
C VAL C 188 -52.13 17.00 30.45
N THR C 189 -52.16 16.57 29.19
CA THR C 189 -53.37 16.04 28.58
C THR C 189 -53.98 14.94 29.44
N ALA C 190 -53.13 14.12 30.07
CA ALA C 190 -53.62 13.08 30.95
C ALA C 190 -54.15 13.68 32.25
N PHE C 191 -53.47 14.71 32.75
CA PHE C 191 -53.82 15.37 34.01
C PHE C 191 -55.21 15.99 33.93
N LYS C 192 -55.54 16.58 32.78
CA LYS C 192 -56.83 17.22 32.57
C LYS C 192 -57.96 16.24 32.81
N LYS C 193 -57.80 15.01 32.29
CA LYS C 193 -58.86 14.01 32.31
C LYS C 193 -58.88 13.26 33.64
N ARG C 194 -57.71 13.06 34.27
CA ARG C 194 -57.63 12.25 35.49
C ARG C 194 -56.58 12.83 36.44
N PRO C 195 -56.83 13.98 37.10
CA PRO C 195 -55.80 14.68 37.85
C PRO C 195 -55.29 13.95 39.10
N GLU C 196 -56.18 13.27 39.81
CA GLU C 196 -55.79 12.58 41.04
C GLU C 196 -54.83 11.45 40.70
N GLU C 197 -55.06 10.76 39.58
CA GLU C 197 -54.34 9.53 39.24
C GLU C 197 -52.94 9.87 38.74
N VAL C 198 -52.82 10.99 37.99
CA VAL C 198 -51.55 11.47 37.50
C VAL C 198 -50.69 12.00 38.64
N GLU C 199 -51.32 12.66 39.63
CA GLU C 199 -50.58 13.21 40.75
C GLU C 199 -49.95 12.07 41.56
N ALA C 200 -50.70 10.97 41.75
CA ALA C 200 -50.24 9.83 42.53
C ALA C 200 -49.16 9.05 41.76
N TRP C 201 -49.17 9.13 40.44
CA TRP C 201 -48.16 8.48 39.60
C TRP C 201 -46.84 9.24 39.69
N LEU C 202 -46.92 10.58 39.78
CA LEU C 202 -45.74 11.43 39.91
C LEU C 202 -45.19 11.39 41.34
N ASP C 203 -46.04 11.06 42.32
CA ASP C 203 -45.67 11.07 43.72
C ASP C 203 -44.72 9.91 44.04
N ASP C 204 -44.62 8.93 43.14
CA ASP C 204 -43.68 7.82 43.26
C ASP C 204 -42.32 8.27 42.74
N ASP C 205 -41.28 8.11 43.56
CA ASP C 205 -39.95 8.58 43.22
C ASP C 205 -39.29 7.62 42.22
N THR C 206 -39.65 6.32 42.26
CA THR C 206 -39.06 5.32 41.40
C THR C 206 -39.53 5.49 39.96
N GLN C 207 -40.68 6.17 39.77
CA GLN C 207 -41.34 6.28 38.48
C GLN C 207 -40.60 7.28 37.60
N GLU C 208 -39.92 6.76 36.57
CA GLU C 208 -39.25 7.63 35.61
C GLU C 208 -40.28 8.01 34.56
N ILE C 209 -40.01 9.13 33.90
CA ILE C 209 -40.97 9.78 33.02
C ILE C 209 -40.39 9.86 31.63
N THR C 210 -40.88 8.98 30.74
CA THR C 210 -40.37 8.85 29.37
C THR C 210 -41.53 8.73 28.41
N ARG C 211 -41.27 8.95 27.11
CA ARG C 211 -42.28 8.78 26.08
C ARG C 211 -43.01 7.46 26.33
N GLY C 212 -42.27 6.43 26.79
CA GLY C 212 -42.79 5.08 26.99
C GLY C 212 -43.68 4.94 28.22
N THR C 213 -43.22 5.44 29.38
CA THR C 213 -43.95 5.27 30.62
C THR C 213 -45.27 6.05 30.57
N VAL C 214 -45.25 7.20 29.90
CA VAL C 214 -46.44 8.03 29.78
C VAL C 214 -47.43 7.35 28.83
N LYS C 215 -46.92 6.77 27.72
CA LYS C 215 -47.77 5.96 26.84
C LYS C 215 -48.44 4.83 27.64
N LEU C 216 -47.75 4.25 28.62
CA LEU C 216 -48.30 3.19 29.45
C LEU C 216 -49.38 3.74 30.39
N LEU C 217 -49.18 4.97 30.87
CA LEU C 217 -50.11 5.64 31.76
C LEU C 217 -51.40 5.98 31.03
N ARG C 218 -51.26 6.52 29.81
CA ARG C 218 -52.41 6.90 28.99
C ARG C 218 -53.31 5.68 28.81
N GLU C 219 -52.70 4.53 28.46
CA GLU C 219 -53.45 3.31 28.20
C GLU C 219 -54.12 2.80 29.47
N PHE C 220 -53.42 2.87 30.61
CA PHE C 220 -54.00 2.40 31.86
C PHE C 220 -55.31 3.16 32.14
N LEU C 221 -55.35 4.44 31.76
CA LEU C 221 -56.45 5.33 32.11
C LEU C 221 -57.67 5.19 31.18
N ASP C 222 -57.48 4.85 29.88
CA ASP C 222 -58.58 4.80 28.92
C ASP C 222 -58.78 3.37 28.43
N GLY D 23 -14.66 42.18 4.29
CA GLY D 23 -14.57 41.40 5.56
C GLY D 23 -15.43 41.95 6.70
N PRO D 24 -15.33 41.37 7.93
CA PRO D 24 -16.00 41.90 9.13
C PRO D 24 -15.20 43.08 9.68
N ILE D 25 -15.86 43.91 10.49
CA ILE D 25 -15.13 45.01 11.12
C ILE D 25 -14.73 44.58 12.53
N GLU D 26 -13.52 44.97 12.94
CA GLU D 26 -13.10 44.74 14.31
C GLU D 26 -13.65 45.88 15.17
N LEU D 27 -14.65 45.59 16.00
CA LEU D 27 -15.34 46.63 16.74
C LEU D 27 -14.89 46.64 18.19
N ASP D 28 -14.49 47.82 18.68
CA ASP D 28 -14.11 48.02 20.08
C ASP D 28 -15.25 47.56 21.00
N LEU D 29 -14.94 46.70 21.97
CA LEU D 29 -15.93 46.17 22.90
C LEU D 29 -16.61 47.27 23.71
N ASP D 30 -15.86 48.35 23.97
CA ASP D 30 -16.35 49.52 24.68
C ASP D 30 -17.51 50.21 24.00
N LEU D 31 -17.72 49.95 22.70
CA LEU D 31 -18.78 50.64 21.96
C LEU D 31 -20.03 49.78 21.88
N ILE D 32 -20.04 48.62 22.53
CA ILE D 32 -21.09 47.64 22.31
C ILE D 32 -21.83 47.37 23.61
N ASP D 33 -23.16 47.43 23.52
CA ASP D 33 -24.04 47.09 24.63
C ASP D 33 -24.87 45.88 24.26
N GLU D 34 -25.12 45.05 25.29
CA GLU D 34 -26.05 43.95 25.13
C GLU D 34 -27.47 44.49 24.98
N ASP D 35 -28.31 43.70 24.32
CA ASP D 35 -29.73 44.02 24.17
C ASP D 35 -30.44 43.47 25.39
N PRO D 36 -31.06 44.35 26.21
CA PRO D 36 -31.71 43.87 27.43
C PRO D 36 -32.98 43.06 27.17
N HIS D 37 -33.51 43.08 25.93
CA HIS D 37 -34.69 42.31 25.57
C HIS D 37 -34.37 41.08 24.71
N GLN D 38 -33.07 40.69 24.65
N GLN D 38 -33.07 40.69 24.65
CA GLN D 38 -32.65 39.45 24.02
CA GLN D 38 -32.69 39.48 23.96
C GLN D 38 -33.44 38.30 24.64
C GLN D 38 -33.41 38.30 24.62
N PRO D 39 -33.77 37.22 23.91
CA PRO D 39 -34.53 36.12 24.48
C PRO D 39 -33.79 35.24 25.48
N ARG D 40 -32.45 35.25 25.44
CA ARG D 40 -31.67 34.54 26.46
C ARG D 40 -31.63 35.36 27.75
N THR D 41 -32.13 34.78 28.84
CA THR D 41 -32.19 35.50 30.11
C THR D 41 -30.96 35.19 30.96
N ALA D 42 -30.84 35.93 32.07
CA ALA D 42 -29.66 35.87 32.92
C ALA D 42 -29.48 34.49 33.55
N ASP D 43 -30.59 33.77 33.80
CA ASP D 43 -30.63 32.41 34.31
C ASP D 43 -30.07 31.33 33.37
N ASN D 44 -29.90 31.66 32.09
CA ASN D 44 -29.61 30.67 31.07
C ASN D 44 -28.28 29.97 31.33
N PRO D 45 -28.20 28.62 31.28
CA PRO D 45 -26.92 27.91 31.43
C PRO D 45 -25.76 28.52 30.65
N GLY D 46 -26.07 29.08 29.48
CA GLY D 46 -25.06 29.60 28.58
C GLY D 46 -24.44 30.91 29.04
N PHE D 47 -25.00 31.53 30.09
CA PHE D 47 -24.42 32.73 30.65
C PHE D 47 -23.70 32.45 31.98
N SER D 48 -23.65 31.17 32.39
CA SER D 48 -22.91 30.80 33.58
C SER D 48 -21.42 31.06 33.37
N PRO D 49 -20.67 31.40 34.44
CA PRO D 49 -19.22 31.56 34.36
C PRO D 49 -18.53 30.40 33.64
N GLU D 50 -18.90 29.16 33.98
CA GLU D 50 -18.30 27.98 33.35
C GLU D 50 -18.47 28.03 31.82
N SER D 51 -19.70 28.38 31.37
CA SER D 51 -20.01 28.34 29.95
C SER D 51 -19.26 29.47 29.21
N ILE D 52 -19.19 30.66 29.80
CA ILE D 52 -18.46 31.75 29.19
C ILE D 52 -16.98 31.42 29.15
N ALA D 53 -16.46 30.72 30.17
CA ALA D 53 -15.05 30.33 30.19
C ALA D 53 -14.76 29.33 29.06
N GLU D 54 -15.74 28.48 28.77
CA GLU D 54 -15.58 27.47 27.74
C GLU D 54 -15.51 28.12 26.35
N ILE D 55 -16.45 29.01 26.01
CA ILE D 55 -16.38 29.65 24.70
C ILE D 55 -15.20 30.61 24.68
N GLY D 56 -14.93 31.23 25.83
CA GLY D 56 -13.84 32.20 25.94
C GLY D 56 -12.47 31.58 25.60
N ALA D 57 -12.24 30.33 26.03
CA ALA D 57 -10.97 29.70 25.75
C ALA D 57 -10.79 29.54 24.24
N THR D 58 -11.87 29.17 23.53
CA THR D 58 -11.78 29.01 22.09
C THR D 58 -11.51 30.35 21.42
N ILE D 59 -12.05 31.42 21.99
CA ILE D 59 -11.81 32.73 21.41
C ILE D 59 -10.40 33.21 21.67
N LYS D 60 -9.88 32.92 22.87
CA LYS D 60 -8.49 33.24 23.17
C LYS D 60 -7.57 32.56 22.17
N GLU D 61 -7.83 31.28 21.87
CA GLU D 61 -7.01 30.48 20.96
C GLU D 61 -7.25 30.85 19.50
N ARG D 62 -8.51 30.89 19.03
CA ARG D 62 -8.82 30.85 17.60
C ARG D 62 -9.46 32.16 17.11
N GLY D 63 -9.94 32.99 18.04
CA GLY D 63 -10.72 34.17 17.69
C GLY D 63 -12.22 33.85 17.63
N VAL D 64 -13.04 34.89 17.49
CA VAL D 64 -14.44 34.69 17.18
C VAL D 64 -14.50 34.33 15.70
N LYS D 65 -15.05 33.16 15.40
CA LYS D 65 -15.04 32.65 14.04
C LYS D 65 -16.31 33.02 13.27
N SER D 66 -17.42 33.28 13.98
CA SER D 66 -18.64 33.82 13.38
C SER D 66 -18.90 35.23 13.88
N PRO D 67 -18.56 36.27 13.11
CA PRO D 67 -18.72 37.65 13.57
C PRO D 67 -20.13 37.91 14.10
N ILE D 68 -20.23 38.75 15.12
CA ILE D 68 -21.53 39.06 15.71
C ILE D 68 -22.25 40.05 14.81
N SER D 69 -23.58 40.15 15.02
CA SER D 69 -24.40 41.12 14.31
C SER D 69 -24.81 42.21 15.29
N VAL D 70 -24.60 43.47 14.91
CA VAL D 70 -25.01 44.59 15.75
C VAL D 70 -25.82 45.57 14.92
N ARG D 71 -26.62 46.40 15.62
CA ARG D 71 -27.28 47.55 15.04
C ARG D 71 -26.78 48.83 15.68
N GLU D 72 -26.81 49.90 14.89
CA GLU D 72 -26.38 51.20 15.36
C GLU D 72 -27.40 51.68 16.39
N ASN D 73 -26.93 52.15 17.53
CA ASN D 73 -27.80 52.72 18.54
C ASN D 73 -28.26 54.11 18.10
N GLN D 74 -29.57 54.27 17.85
CA GLN D 74 -30.14 55.55 17.44
C GLN D 74 -30.06 56.57 18.57
N GLU D 75 -30.17 56.09 19.81
CA GLU D 75 -30.24 56.93 21.00
C GLU D 75 -28.85 57.44 21.38
N GLN D 76 -27.79 56.65 21.12
CA GLN D 76 -26.45 57.04 21.52
C GLN D 76 -25.50 56.88 20.33
N PRO D 77 -25.35 57.92 19.50
CA PRO D 77 -24.53 57.80 18.29
C PRO D 77 -23.12 57.33 18.62
N GLY D 78 -22.58 56.48 17.74
CA GLY D 78 -21.24 55.95 17.89
C GLY D 78 -21.24 54.57 18.55
N ARG D 79 -22.38 54.16 19.13
CA ARG D 79 -22.46 52.93 19.90
C ARG D 79 -23.34 51.93 19.16
N TYR D 80 -23.30 50.67 19.61
CA TYR D 80 -23.99 49.58 18.91
C TYR D 80 -24.71 48.70 19.91
N ILE D 81 -25.83 48.09 19.47
CA ILE D 81 -26.55 47.11 20.27
C ILE D 81 -26.42 45.75 19.57
N ILE D 82 -26.33 44.70 20.38
CA ILE D 82 -26.16 43.36 19.85
C ILE D 82 -27.50 42.83 19.34
N ASN D 83 -27.49 42.40 18.08
CA ASN D 83 -28.56 41.60 17.49
C ASN D 83 -28.41 40.15 17.98
N HIS D 84 -27.32 39.49 17.56
CA HIS D 84 -26.93 38.19 18.08
C HIS D 84 -25.43 38.24 18.37
N GLY D 85 -25.01 37.60 19.47
CA GLY D 85 -23.59 37.50 19.79
C GLY D 85 -23.21 37.79 21.24
N ALA D 86 -24.14 37.67 22.19
CA ALA D 86 -23.85 38.08 23.55
C ALA D 86 -22.80 37.17 24.18
N ARG D 87 -22.88 35.85 23.91
CA ARG D 87 -21.92 34.92 24.45
C ARG D 87 -20.56 35.13 23.79
N ARG D 88 -20.54 35.43 22.49
CA ARG D 88 -19.27 35.72 21.84
C ARG D 88 -18.64 36.96 22.46
N TYR D 89 -19.52 37.93 22.77
CA TYR D 89 -19.14 39.18 23.39
C TYR D 89 -18.54 38.93 24.76
N ARG D 90 -19.25 38.17 25.61
CA ARG D 90 -18.76 37.94 26.97
C ARG D 90 -17.52 37.08 26.94
N GLY D 91 -17.51 36.07 26.08
CA GLY D 91 -16.32 35.25 25.88
C GLY D 91 -15.13 36.10 25.42
N SER D 92 -15.37 37.08 24.56
CA SER D 92 -14.28 37.93 24.11
C SER D 92 -13.69 38.70 25.29
N LYS D 93 -14.54 39.17 26.21
CA LYS D 93 -14.08 39.91 27.37
C LYS D 93 -13.28 38.98 28.29
N TRP D 94 -13.81 37.76 28.51
CA TRP D 94 -13.15 36.74 29.32
C TRP D 94 -11.75 36.49 28.79
N ALA D 95 -11.58 36.49 27.47
CA ALA D 95 -10.32 36.15 26.82
C ALA D 95 -9.37 37.34 26.77
N GLY D 96 -9.82 38.51 27.24
CA GLY D 96 -8.96 39.67 27.28
C GLY D 96 -8.86 40.37 25.93
N LYS D 97 -9.85 40.16 25.05
CA LYS D 97 -9.87 40.81 23.75
C LYS D 97 -10.27 42.27 23.90
N LYS D 98 -9.73 43.11 23.01
CA LYS D 98 -10.06 44.53 23.01
C LYS D 98 -11.18 44.81 22.01
N SER D 99 -11.36 43.93 21.02
CA SER D 99 -12.34 44.12 19.97
C SER D 99 -13.00 42.79 19.60
N ILE D 100 -14.04 42.87 18.76
CA ILE D 100 -14.76 41.68 18.32
C ILE D 100 -15.16 41.87 16.87
N PRO D 101 -15.04 40.80 16.04
CA PRO D 101 -15.46 40.85 14.65
C PRO D 101 -16.97 41.03 14.57
N ALA D 102 -17.43 41.97 13.74
CA ALA D 102 -18.85 42.23 13.68
C ALA D 102 -19.26 42.74 12.30
N PHE D 103 -20.57 42.59 12.01
CA PHE D 103 -21.19 43.29 10.90
C PHE D 103 -22.38 44.07 11.42
N ILE D 104 -22.73 45.13 10.68
CA ILE D 104 -23.87 45.96 11.03
C ILE D 104 -25.09 45.50 10.23
N ASP D 105 -26.18 45.22 10.94
CA ASP D 105 -27.49 44.95 10.33
C ASP D 105 -28.57 45.72 11.08
N ASN D 106 -29.08 46.80 10.47
CA ASN D 106 -30.08 47.64 11.08
C ASN D 106 -31.50 47.13 10.81
N ASP D 107 -31.65 46.03 10.09
CA ASP D 107 -32.96 45.50 9.80
C ASP D 107 -33.12 44.15 10.47
N TYR D 108 -33.07 44.15 11.82
CA TYR D 108 -33.01 42.92 12.60
C TYR D 108 -34.02 43.04 13.72
N ASN D 109 -34.90 42.04 13.89
CA ASN D 109 -36.00 42.20 14.84
C ASN D 109 -35.93 41.10 15.89
N GLU D 110 -36.93 41.07 16.78
CA GLU D 110 -36.90 40.25 17.98
C GLU D 110 -37.00 38.78 17.55
N ALA D 111 -37.83 38.53 16.54
CA ALA D 111 -38.02 37.19 16.00
C ALA D 111 -36.71 36.63 15.43
N ASP D 112 -35.92 37.47 14.75
CA ASP D 112 -34.65 37.06 14.19
C ASP D 112 -33.75 36.52 15.29
N GLN D 113 -33.82 37.11 16.50
CA GLN D 113 -32.99 36.68 17.61
C GLN D 113 -33.38 35.27 18.03
N VAL D 114 -34.67 34.91 17.93
CA VAL D 114 -35.07 33.56 18.28
C VAL D 114 -34.67 32.59 17.17
N ILE D 115 -34.79 33.03 15.90
CA ILE D 115 -34.32 32.25 14.77
C ILE D 115 -32.83 31.87 14.92
N GLU D 116 -31.97 32.84 15.24
CA GLU D 116 -30.52 32.63 15.33
C GLU D 116 -30.23 31.41 16.21
N ASN D 117 -31.10 31.17 17.16
CA ASN D 117 -30.88 30.16 18.16
C ASN D 117 -31.60 28.85 17.84
N LEU D 118 -32.82 28.91 17.32
CA LEU D 118 -33.62 27.71 17.13
C LEU D 118 -33.30 27.02 15.79
N GLN D 119 -32.86 27.78 14.78
CA GLN D 119 -32.65 27.25 13.44
C GLN D 119 -31.19 26.77 13.32
N ARG D 120 -30.85 25.75 14.12
N ARG D 120 -30.85 25.74 14.10
CA ARG D 120 -29.54 25.13 14.00
CA ARG D 120 -29.53 25.12 14.01
C ARG D 120 -29.61 23.73 14.61
C ARG D 120 -29.62 23.72 14.60
N ASN D 121 -28.72 22.85 14.16
CA ASN D 121 -28.79 21.43 14.45
C ASN D 121 -27.42 20.92 14.88
N GLU D 122 -27.42 20.03 15.87
CA GLU D 122 -26.18 19.58 16.48
C GLU D 122 -25.54 18.47 15.64
N LEU D 123 -24.22 18.31 15.80
CA LEU D 123 -23.54 17.06 15.46
C LEU D 123 -24.06 15.94 16.34
N THR D 124 -24.19 14.73 15.80
CA THR D 124 -24.59 13.59 16.60
C THR D 124 -23.40 13.15 17.46
N PRO D 125 -23.62 12.32 18.49
CA PRO D 125 -22.49 11.72 19.24
C PRO D 125 -21.54 10.94 18.35
N ARG D 126 -22.09 10.18 17.40
CA ARG D 126 -21.28 9.40 16.46
C ARG D 126 -20.36 10.34 15.69
N GLU D 127 -20.90 11.46 15.22
CA GLU D 127 -20.11 12.36 14.41
C GLU D 127 -19.00 13.00 15.23
N ILE D 128 -19.26 13.21 16.53
CA ILE D 128 -18.26 13.84 17.38
C ILE D 128 -17.18 12.81 17.70
N ALA D 129 -17.59 11.58 18.03
CA ALA D 129 -16.65 10.50 18.26
C ALA D 129 -15.74 10.33 17.05
N ASP D 130 -16.34 10.30 15.85
CA ASP D 130 -15.57 10.02 14.65
C ASP D 130 -14.58 11.13 14.37
N PHE D 131 -14.95 12.38 14.67
CA PHE D 131 -13.98 13.45 14.56
C PHE D 131 -12.80 13.20 15.50
N ILE D 132 -13.12 12.81 16.75
CA ILE D 132 -12.08 12.58 17.73
C ILE D 132 -11.17 11.44 17.22
N GLY D 133 -11.81 10.37 16.74
CA GLY D 133 -11.12 9.24 16.13
C GLY D 133 -10.12 9.64 15.06
N ARG D 134 -10.52 10.57 14.16
CA ARG D 134 -9.64 10.96 13.07
C ARG D 134 -8.43 11.70 13.64
N GLU D 135 -8.63 12.49 14.71
CA GLU D 135 -7.56 13.23 15.35
C GLU D 135 -6.62 12.26 16.06
N LEU D 136 -7.16 11.29 16.81
CA LEU D 136 -6.33 10.29 17.45
C LEU D 136 -5.47 9.54 16.43
N ALA D 137 -6.03 9.21 15.29
CA ALA D 137 -5.36 8.45 14.24
C ALA D 137 -4.24 9.25 13.60
N LYS D 138 -4.24 10.57 13.77
CA LYS D 138 -3.15 11.41 13.31
C LYS D 138 -2.12 11.61 14.41
N GLY D 139 -2.37 11.02 15.59
CA GLY D 139 -1.42 10.98 16.66
C GLY D 139 -1.65 12.05 17.73
N LYS D 140 -2.74 12.80 17.64
CA LYS D 140 -2.97 13.86 18.61
C LYS D 140 -3.38 13.28 19.95
N LYS D 141 -2.89 13.88 21.04
CA LYS D 141 -3.24 13.46 22.40
C LYS D 141 -4.66 13.95 22.73
N LYS D 142 -5.37 13.18 23.56
CA LYS D 142 -6.71 13.50 24.04
C LYS D 142 -6.74 14.92 24.61
N GLY D 143 -5.72 15.26 25.38
CA GLY D 143 -5.63 16.56 26.03
C GLY D 143 -5.62 17.70 25.04
N ASP D 144 -4.93 17.51 23.90
CA ASP D 144 -4.91 18.55 22.87
C ASP D 144 -6.20 18.55 22.06
N ILE D 145 -6.90 17.40 22.00
CA ILE D 145 -8.14 17.35 21.24
C ILE D 145 -9.20 18.10 22.05
N ALA D 146 -9.23 17.88 23.37
CA ALA D 146 -10.04 18.68 24.27
C ALA D 146 -9.83 20.16 24.01
N LYS D 147 -8.58 20.62 24.03
CA LYS D 147 -8.32 22.04 23.93
C LYS D 147 -8.83 22.59 22.59
N GLU D 148 -8.60 21.90 21.47
CA GLU D 148 -8.83 22.51 20.17
C GLU D 148 -10.33 22.64 19.88
N ILE D 149 -11.19 21.91 20.61
CA ILE D 149 -12.63 22.07 20.46
C ILE D 149 -13.26 22.68 21.72
N GLY D 150 -12.43 23.10 22.69
CA GLY D 150 -12.93 23.83 23.83
C GLY D 150 -13.78 22.97 24.76
N LYS D 151 -13.55 21.67 24.81
CA LYS D 151 -14.31 20.80 25.69
C LYS D 151 -13.39 20.14 26.71
N SER D 152 -13.99 19.45 27.66
CA SER D 152 -13.29 18.90 28.78
C SER D 152 -12.74 17.54 28.39
N PRO D 153 -11.64 17.09 29.04
CA PRO D 153 -11.15 15.72 28.86
C PRO D 153 -12.22 14.66 29.09
N ALA D 154 -13.13 14.89 30.05
CA ALA D 154 -14.17 13.91 30.32
C ALA D 154 -15.13 13.78 29.12
N PHE D 155 -15.35 14.90 28.41
CA PHE D 155 -16.20 14.88 27.23
C PHE D 155 -15.55 14.05 26.12
N ILE D 156 -14.22 14.21 25.95
CA ILE D 156 -13.45 13.42 25.00
C ILE D 156 -13.59 11.95 25.36
N THR D 157 -13.29 11.62 26.61
CA THR D 157 -13.34 10.23 27.07
C THR D 157 -14.68 9.60 26.73
N GLN D 158 -15.77 10.31 27.04
CA GLN D 158 -17.10 9.73 26.87
C GLN D 158 -17.38 9.39 25.41
N HIS D 159 -16.86 10.22 24.50
CA HIS D 159 -17.08 9.99 23.07
C HIS D 159 -16.14 8.90 22.54
N VAL D 160 -14.89 8.88 23.02
CA VAL D 160 -13.93 7.86 22.62
C VAL D 160 -14.49 6.46 22.88
N THR D 161 -15.27 6.27 23.95
CA THR D 161 -15.91 4.99 24.20
C THR D 161 -16.67 4.48 22.97
N LEU D 162 -17.23 5.42 22.18
CA LEU D 162 -18.07 5.05 21.05
C LEU D 162 -17.27 4.45 19.89
N LEU D 163 -15.93 4.55 19.92
CA LEU D 163 -15.09 4.11 18.84
C LEU D 163 -14.85 2.60 18.87
N ASP D 164 -15.21 1.91 19.96
CA ASP D 164 -14.95 0.49 20.06
C ASP D 164 -16.01 -0.18 20.92
N LEU D 165 -17.26 -0.05 20.52
CA LEU D 165 -18.36 -0.55 21.34
C LEU D 165 -18.46 -2.06 21.21
N PRO D 166 -18.70 -2.79 22.31
CA PRO D 166 -19.09 -4.19 22.21
C PRO D 166 -20.24 -4.35 21.23
N GLU D 167 -20.40 -5.55 20.69
CA GLU D 167 -21.23 -5.76 19.52
C GLU D 167 -22.68 -5.42 19.82
N LYS D 168 -23.25 -6.00 20.87
CA LYS D 168 -24.67 -5.85 21.15
C LYS D 168 -25.01 -4.39 21.49
N ILE D 169 -24.10 -3.70 22.18
CA ILE D 169 -24.31 -2.30 22.53
C ILE D 169 -24.20 -1.44 21.28
N ALA D 170 -23.30 -1.81 20.36
CA ALA D 170 -23.17 -1.09 19.10
C ALA D 170 -24.49 -1.13 18.33
N ASP D 171 -25.13 -2.31 18.26
CA ASP D 171 -26.41 -2.46 17.56
C ASP D 171 -27.43 -1.48 18.14
N ALA D 172 -27.57 -1.51 19.47
CA ALA D 172 -28.53 -0.67 20.16
C ALA D 172 -28.24 0.79 19.89
N PHE D 173 -26.96 1.16 19.79
CA PHE D 173 -26.60 2.55 19.54
C PHE D 173 -26.94 2.95 18.12
N ASN D 174 -26.69 2.06 17.15
CA ASN D 174 -26.84 2.36 15.74
C ASN D 174 -28.32 2.42 15.35
N THR D 175 -29.12 1.47 15.89
CA THR D 175 -30.55 1.42 15.62
C THR D 175 -31.28 2.59 16.29
N GLY D 176 -30.62 3.31 17.20
CA GLY D 176 -31.23 4.44 17.89
C GLY D 176 -31.96 4.02 19.18
N ARG D 177 -31.88 2.74 19.56
CA ARG D 177 -32.49 2.24 20.77
C ARG D 177 -31.94 2.94 22.02
N VAL D 178 -30.70 3.46 21.92
CA VAL D 178 -30.14 4.36 22.90
C VAL D 178 -29.30 5.37 22.14
N ARG D 179 -29.34 6.63 22.53
CA ARG D 179 -28.66 7.67 21.77
C ARG D 179 -27.75 8.49 22.68
N ASP D 180 -28.01 8.49 23.99
CA ASP D 180 -27.28 9.35 24.91
C ASP D 180 -25.93 8.70 25.26
N VAL D 181 -24.87 9.48 25.01
CA VAL D 181 -23.50 9.04 25.19
C VAL D 181 -23.28 8.60 26.64
N THR D 182 -23.81 9.32 27.60
CA THR D 182 -23.64 8.98 29.00
C THR D 182 -24.21 7.60 29.30
N VAL D 183 -25.37 7.28 28.73
CA VAL D 183 -26.00 6.01 28.99
C VAL D 183 -25.20 4.89 28.34
N VAL D 184 -24.68 5.15 27.15
CA VAL D 184 -23.88 4.18 26.43
C VAL D 184 -22.64 3.85 27.24
N ASN D 185 -21.94 4.89 27.74
CA ASN D 185 -20.79 4.69 28.61
C ASN D 185 -21.14 3.82 29.82
N GLU D 186 -22.28 4.10 30.48
CA GLU D 186 -22.68 3.37 31.67
C GLU D 186 -22.91 1.90 31.31
N LEU D 187 -23.37 1.67 30.09
CA LEU D 187 -23.74 0.34 29.63
C LEU D 187 -22.49 -0.47 29.28
N VAL D 188 -21.47 0.21 28.71
CA VAL D 188 -20.18 -0.40 28.45
C VAL D 188 -19.54 -0.79 29.77
N THR D 189 -19.44 0.17 30.71
CA THR D 189 -18.83 -0.09 32.01
C THR D 189 -19.46 -1.32 32.66
N ALA D 190 -20.77 -1.51 32.48
CA ALA D 190 -21.45 -2.67 33.03
C ALA D 190 -21.04 -3.93 32.27
N PHE D 191 -20.93 -3.81 30.93
CA PHE D 191 -20.59 -4.91 30.06
C PHE D 191 -19.23 -5.51 30.40
N LYS D 192 -18.26 -4.64 30.73
CA LYS D 192 -16.91 -5.06 31.06
C LYS D 192 -16.93 -6.03 32.23
N LYS D 193 -17.74 -5.74 33.26
CA LYS D 193 -17.75 -6.49 34.50
C LYS D 193 -18.66 -7.72 34.38
N ARG D 194 -19.75 -7.64 33.60
CA ARG D 194 -20.70 -8.74 33.52
C ARG D 194 -21.27 -8.85 32.10
N PRO D 195 -20.49 -9.35 31.10
CA PRO D 195 -20.90 -9.27 29.70
C PRO D 195 -22.10 -10.16 29.35
N GLU D 196 -22.19 -11.35 29.93
CA GLU D 196 -23.29 -12.26 29.62
C GLU D 196 -24.61 -11.65 30.08
N GLU D 197 -24.61 -10.98 31.24
CA GLU D 197 -25.82 -10.52 31.88
C GLU D 197 -26.37 -9.27 31.17
N VAL D 198 -25.47 -8.41 30.69
CA VAL D 198 -25.85 -7.23 29.93
C VAL D 198 -26.39 -7.63 28.55
N GLU D 199 -25.80 -8.67 27.94
CA GLU D 199 -26.24 -9.12 26.63
C GLU D 199 -27.66 -9.65 26.71
N ALA D 200 -27.99 -10.39 27.79
CA ALA D 200 -29.30 -10.97 27.98
C ALA D 200 -30.34 -9.89 28.31
N TRP D 201 -29.89 -8.78 28.89
CA TRP D 201 -30.77 -7.65 29.20
C TRP D 201 -31.15 -6.91 27.91
N LEU D 202 -30.18 -6.81 26.99
CA LEU D 202 -30.39 -6.15 25.71
C LEU D 202 -31.19 -7.04 24.75
N ASP D 203 -31.16 -8.37 24.97
CA ASP D 203 -31.80 -9.34 24.10
C ASP D 203 -33.33 -9.26 24.23
N ASP D 204 -33.81 -8.61 25.31
CA ASP D 204 -35.24 -8.39 25.50
C ASP D 204 -35.67 -7.17 24.70
N ASP D 205 -36.68 -7.32 23.85
CA ASP D 205 -37.12 -6.24 22.96
C ASP D 205 -37.97 -5.22 23.74
N THR D 206 -38.66 -5.67 24.80
CA THR D 206 -39.52 -4.80 25.59
C THR D 206 -38.70 -3.83 26.45
N GLN D 207 -37.42 -4.18 26.69
CA GLN D 207 -36.55 -3.44 27.59
C GLN D 207 -36.10 -2.14 26.95
N GLU D 208 -36.64 -1.03 27.48
CA GLU D 208 -36.27 0.31 27.06
C GLU D 208 -34.95 0.67 27.73
N ILE D 209 -34.18 1.56 27.10
CA ILE D 209 -32.82 1.89 27.54
C ILE D 209 -32.77 3.37 27.88
N THR D 210 -32.78 3.68 29.18
CA THR D 210 -32.83 5.04 29.65
C THR D 210 -31.85 5.21 30.80
N ARG D 211 -31.53 6.48 31.13
CA ARG D 211 -30.72 6.80 32.30
C ARG D 211 -31.19 5.96 33.47
N GLY D 212 -32.52 5.78 33.59
CA GLY D 212 -33.15 5.10 34.71
C GLY D 212 -32.97 3.57 34.70
N THR D 213 -33.26 2.94 33.55
CA THR D 213 -33.24 1.48 33.47
C THR D 213 -31.81 0.97 33.64
N VAL D 214 -30.85 1.73 33.10
CA VAL D 214 -29.46 1.35 33.17
C VAL D 214 -28.97 1.55 34.61
N LYS D 215 -29.37 2.64 35.27
CA LYS D 215 -29.08 2.83 36.69
C LYS D 215 -29.57 1.62 37.50
N LEU D 216 -30.74 1.05 37.11
CA LEU D 216 -31.27 -0.11 37.80
C LEU D 216 -30.42 -1.36 37.53
N LEU D 217 -29.91 -1.45 36.30
CA LEU D 217 -29.09 -2.58 35.88
C LEU D 217 -27.74 -2.56 36.59
N ARG D 218 -27.11 -1.37 36.65
CA ARG D 218 -25.81 -1.20 37.29
C ARG D 218 -25.90 -1.69 38.73
N GLU D 219 -26.95 -1.27 39.44
CA GLU D 219 -27.11 -1.62 40.84
C GLU D 219 -27.38 -3.10 41.00
N PHE D 220 -28.19 -3.70 40.13
CA PHE D 220 -28.48 -5.12 40.22
C PHE D 220 -27.17 -5.91 40.17
N LEU D 221 -26.18 -5.42 39.39
CA LEU D 221 -24.96 -6.16 39.12
C LEU D 221 -23.94 -6.01 40.26
N ASP D 222 -24.03 -4.90 41.01
CA ASP D 222 -23.17 -4.58 42.13
C ASP D 222 -23.88 -4.84 43.45
N GLU D 223 -24.57 -5.99 43.61
CA GLU D 223 -25.27 -6.29 44.87
C GLU D 223 -25.42 -7.81 45.03
N GLY E 23 29.85 8.09 -25.83
CA GLY E 23 29.64 6.72 -25.32
C GLY E 23 28.43 6.57 -24.38
N PRO E 24 28.17 5.33 -23.86
CA PRO E 24 27.12 5.09 -22.87
C PRO E 24 27.60 5.51 -21.48
N ILE E 25 26.67 5.77 -20.57
CA ILE E 25 27.01 6.16 -19.21
C ILE E 25 26.95 4.91 -18.35
N GLU E 26 27.89 4.76 -17.42
CA GLU E 26 27.80 3.70 -16.42
C GLU E 26 26.90 4.21 -15.29
N LEU E 27 25.69 3.68 -15.18
CA LEU E 27 24.71 4.22 -14.25
C LEU E 27 24.60 3.31 -13.03
N ASP E 28 24.71 3.92 -11.85
CA ASP E 28 24.51 3.22 -10.58
C ASP E 28 23.15 2.52 -10.55
N LEU E 29 23.11 1.22 -10.25
CA LEU E 29 21.87 0.45 -10.21
C LEU E 29 20.89 1.00 -9.17
N ASP E 30 21.45 1.60 -8.11
CA ASP E 30 20.67 2.25 -7.05
C ASP E 30 19.82 3.40 -7.57
N LEU E 31 20.11 3.95 -8.75
CA LEU E 31 19.38 5.11 -9.24
C LEU E 31 18.29 4.67 -10.23
N ILE E 32 18.10 3.36 -10.43
CA ILE E 32 17.27 2.89 -11.53
C ILE E 32 16.10 2.07 -10.99
N ASP E 33 14.90 2.40 -11.45
CA ASP E 33 13.70 1.63 -11.13
C ASP E 33 13.12 1.03 -12.40
N GLU E 34 12.57 -0.17 -12.24
CA GLU E 34 11.83 -0.81 -13.31
C GLU E 34 10.53 -0.04 -13.56
N ASP E 35 10.04 -0.13 -14.80
CA ASP E 35 8.78 0.46 -15.21
C ASP E 35 7.68 -0.54 -14.89
N PRO E 36 6.74 -0.18 -13.99
CA PRO E 36 5.71 -1.14 -13.59
C PRO E 36 4.68 -1.42 -14.69
N HIS E 37 4.68 -0.63 -15.79
CA HIS E 37 3.77 -0.84 -16.92
C HIS E 37 4.49 -1.42 -18.14
N GLN E 38 5.72 -1.92 -17.96
N GLN E 38 5.73 -1.91 -17.98
CA GLN E 38 6.46 -2.64 -19.00
CA GLN E 38 6.41 -2.54 -19.10
C GLN E 38 5.58 -3.79 -19.51
C GLN E 38 5.59 -3.76 -19.52
N PRO E 39 5.66 -4.18 -20.79
CA PRO E 39 4.77 -5.25 -21.28
C PRO E 39 5.14 -6.66 -20.82
N ARG E 40 6.39 -6.87 -20.38
CA ARG E 40 6.75 -8.14 -19.78
C ARG E 40 6.24 -8.24 -18.33
N THR E 41 5.40 -9.24 -18.06
CA THR E 41 4.80 -9.40 -16.75
C THR E 41 5.63 -10.40 -15.92
N ALA E 42 5.23 -10.52 -14.65
CA ALA E 42 5.95 -11.25 -13.63
C ALA E 42 6.08 -12.72 -13.97
N ASP E 43 5.08 -13.30 -14.63
CA ASP E 43 5.03 -14.72 -14.94
C ASP E 43 5.85 -15.04 -16.20
N ASN E 44 6.43 -14.05 -16.87
CA ASN E 44 7.12 -14.29 -18.12
C ASN E 44 8.35 -15.21 -17.90
N PRO E 45 8.54 -16.28 -18.71
CA PRO E 45 9.71 -17.17 -18.57
C PRO E 45 11.03 -16.44 -18.43
N GLY E 46 11.15 -15.27 -19.05
CA GLY E 46 12.37 -14.50 -19.01
C GLY E 46 12.68 -13.86 -17.67
N PHE E 47 11.72 -13.86 -16.73
CA PHE E 47 11.97 -13.34 -15.40
C PHE E 47 12.10 -14.47 -14.38
N SER E 48 12.08 -15.73 -14.83
CA SER E 48 12.33 -16.87 -13.94
C SER E 48 13.77 -16.79 -13.42
N PRO E 49 14.03 -17.28 -12.19
CA PRO E 49 15.39 -17.35 -11.65
C PRO E 49 16.38 -17.96 -12.63
N GLU E 50 16.03 -19.09 -13.24
CA GLU E 50 16.95 -19.73 -14.19
C GLU E 50 17.33 -18.79 -15.33
N SER E 51 16.34 -18.04 -15.87
CA SER E 51 16.60 -17.18 -17.01
C SER E 51 17.47 -16.00 -16.61
N ILE E 52 17.22 -15.40 -15.45
CA ILE E 52 18.05 -14.31 -14.98
C ILE E 52 19.47 -14.81 -14.69
N ALA E 53 19.60 -16.04 -14.22
CA ALA E 53 20.92 -16.62 -13.96
C ALA E 53 21.70 -16.79 -15.25
N GLU E 54 20.97 -17.12 -16.31
CA GLU E 54 21.59 -17.36 -17.60
C GLU E 54 22.13 -16.07 -18.19
N ILE E 55 21.34 -15.01 -18.24
CA ILE E 55 21.86 -13.77 -18.77
C ILE E 55 22.87 -13.19 -17.81
N GLY E 56 22.62 -13.38 -16.53
CA GLY E 56 23.54 -12.88 -15.49
C GLY E 56 24.96 -13.42 -15.65
N ALA E 57 25.10 -14.71 -15.99
CA ALA E 57 26.45 -15.28 -16.12
C ALA E 57 27.19 -14.58 -17.26
N THR E 58 26.48 -14.29 -18.37
CA THR E 58 27.14 -13.61 -19.48
C THR E 58 27.54 -12.20 -19.08
N ILE E 59 26.75 -11.58 -18.22
CA ILE E 59 27.08 -10.22 -17.79
C ILE E 59 28.26 -10.25 -16.83
N LYS E 60 28.31 -11.24 -15.95
CA LYS E 60 29.45 -11.38 -15.06
C LYS E 60 30.74 -11.51 -15.88
N GLU E 61 30.70 -12.33 -16.93
CA GLU E 61 31.85 -12.61 -17.77
C GLU E 61 32.18 -11.45 -18.71
N ARG E 62 31.18 -10.94 -19.48
CA ARG E 62 31.46 -10.10 -20.64
C ARG E 62 30.94 -8.66 -20.47
N GLY E 63 30.08 -8.44 -19.48
CA GLY E 63 29.41 -7.16 -19.29
C GLY E 63 28.08 -7.11 -20.06
N VAL E 64 27.32 -6.06 -19.83
CA VAL E 64 26.17 -5.79 -20.66
C VAL E 64 26.69 -5.20 -21.96
N LYS E 65 26.37 -5.87 -23.06
CA LYS E 65 26.95 -5.50 -24.35
C LYS E 65 26.03 -4.52 -25.12
N SER E 66 24.72 -4.53 -24.82
CA SER E 66 23.77 -3.56 -25.38
C SER E 66 23.25 -2.68 -24.26
N PRO E 67 23.74 -1.44 -24.14
CA PRO E 67 23.35 -0.58 -23.04
C PRO E 67 21.83 -0.47 -22.94
N ILE E 68 21.32 -0.36 -21.72
CA ILE E 68 19.89 -0.24 -21.55
C ILE E 68 19.50 1.21 -21.87
N SER E 69 18.19 1.40 -22.08
CA SER E 69 17.63 2.73 -22.31
C SER E 69 16.83 3.12 -21.08
N VAL E 70 17.10 4.33 -20.54
CA VAL E 70 16.34 4.83 -19.42
C VAL E 70 15.82 6.23 -19.71
N ARG E 71 14.78 6.62 -18.97
CA ARG E 71 14.29 7.99 -18.95
C ARG E 71 14.42 8.59 -17.56
N GLU E 72 14.64 9.90 -17.53
CA GLU E 72 14.77 10.63 -16.28
C GLU E 72 13.41 10.59 -15.58
N ASN E 73 13.41 10.25 -14.30
CA ASN E 73 12.19 10.29 -13.52
C ASN E 73 11.85 11.75 -13.18
N GLN E 74 10.73 12.24 -13.71
CA GLN E 74 10.27 13.61 -13.46
C GLN E 74 9.84 13.77 -12.00
N GLU E 75 9.30 12.70 -11.42
CA GLU E 75 8.75 12.71 -10.07
C GLU E 75 9.86 12.66 -9.03
N GLN E 76 10.98 11.98 -9.32
CA GLN E 76 12.05 11.81 -8.35
C GLN E 76 13.39 12.19 -8.98
N PRO E 77 13.77 13.49 -8.90
CA PRO E 77 14.97 13.97 -9.58
C PRO E 77 16.20 13.14 -9.23
N GLY E 78 17.04 12.89 -10.24
CA GLY E 78 18.28 12.17 -10.05
C GLY E 78 18.15 10.67 -10.31
N ARG E 79 16.91 10.18 -10.47
CA ARG E 79 16.64 8.76 -10.63
C ARG E 79 16.14 8.51 -12.05
N TYR E 80 16.05 7.23 -12.44
CA TYR E 80 15.75 6.87 -13.83
C TYR E 80 14.74 5.73 -13.85
N ILE E 81 13.95 5.68 -14.92
CA ILE E 81 13.03 4.57 -15.17
C ILE E 81 13.50 3.84 -16.41
N ILE E 82 13.33 2.53 -16.42
CA ILE E 82 13.77 1.70 -17.53
C ILE E 82 12.77 1.81 -18.68
N ASN E 83 13.30 2.18 -19.85
CA ASN E 83 12.60 2.06 -21.12
C ASN E 83 12.63 0.59 -21.57
N HIS E 84 13.85 0.11 -21.89
CA HIS E 84 14.08 -1.30 -22.14
C HIS E 84 15.36 -1.70 -21.39
N GLY E 85 15.37 -2.92 -20.83
CA GLY E 85 16.56 -3.41 -20.15
C GLY E 85 16.32 -4.08 -18.79
N ALA E 86 15.11 -4.54 -18.51
CA ALA E 86 14.82 -5.03 -17.16
C ALA E 86 15.61 -6.31 -16.89
N ARG E 87 15.72 -7.20 -17.90
CA ARG E 87 16.45 -8.44 -17.72
C ARG E 87 17.95 -8.16 -17.61
N ARG E 88 18.45 -7.19 -18.36
CA ARG E 88 19.85 -6.83 -18.24
C ARG E 88 20.10 -6.28 -16.83
N TYR E 89 19.12 -5.52 -16.34
CA TYR E 89 19.16 -4.92 -15.03
C TYR E 89 19.18 -6.00 -13.95
N ARG E 90 18.25 -6.96 -14.03
CA ARG E 90 18.17 -8.01 -13.02
C ARG E 90 19.41 -8.91 -13.12
N GLY E 91 19.80 -9.23 -14.34
CA GLY E 91 21.04 -9.98 -14.58
C GLY E 91 22.25 -9.26 -14.00
N SER E 92 22.29 -7.93 -14.11
CA SER E 92 23.40 -7.19 -13.57
C SER E 92 23.46 -7.36 -12.05
N LYS E 93 22.32 -7.38 -11.39
CA LYS E 93 22.26 -7.52 -9.95
C LYS E 93 22.68 -8.93 -9.57
N TRP E 94 22.18 -9.93 -10.32
CA TRP E 94 22.56 -11.32 -10.12
C TRP E 94 24.08 -11.48 -10.16
N ALA E 95 24.74 -10.75 -11.06
CA ALA E 95 26.15 -10.86 -11.32
C ALA E 95 26.97 -10.04 -10.34
N GLY E 96 26.32 -9.29 -9.47
CA GLY E 96 27.04 -8.52 -8.46
C GLY E 96 27.62 -7.22 -9.03
N LYS E 97 27.04 -6.73 -10.13
CA LYS E 97 27.46 -5.48 -10.73
C LYS E 97 26.93 -4.29 -9.92
N LYS E 98 27.70 -3.21 -9.88
CA LYS E 98 27.33 -2.02 -9.15
C LYS E 98 26.67 -1.01 -10.10
N SER E 99 26.96 -1.11 -11.40
CA SER E 99 26.42 -0.18 -12.37
C SER E 99 26.07 -0.92 -13.67
N ILE E 100 25.41 -0.20 -14.59
CA ILE E 100 24.99 -0.77 -15.85
C ILE E 100 25.15 0.28 -16.94
N PRO E 101 25.65 -0.10 -18.13
CA PRO E 101 25.78 0.80 -19.26
C PRO E 101 24.40 1.25 -19.72
N ALA E 102 24.22 2.55 -19.93
CA ALA E 102 22.90 3.04 -20.30
C ALA E 102 22.99 4.30 -21.15
N PHE E 103 21.92 4.55 -21.91
N PHE E 103 21.92 4.54 -21.91
CA PHE E 103 21.72 5.85 -22.53
CA PHE E 103 21.69 5.79 -22.61
C PHE E 103 20.37 6.40 -22.08
C PHE E 103 20.39 6.39 -22.07
N ILE E 104 20.30 7.73 -22.07
CA ILE E 104 19.10 8.43 -21.67
C ILE E 104 18.28 8.76 -22.92
N ASP E 105 17.01 8.33 -22.94
CA ASP E 105 16.08 8.62 -24.02
C ASP E 105 14.72 8.98 -23.40
N ASN E 106 14.41 10.28 -23.41
CA ASN E 106 13.19 10.77 -22.80
C ASN E 106 12.06 10.80 -23.83
N ASP E 107 12.29 10.31 -25.06
CA ASP E 107 11.25 10.29 -26.06
C ASP E 107 10.91 8.83 -26.39
N TYR E 108 10.42 8.10 -25.38
CA TYR E 108 10.26 6.66 -25.48
C TYR E 108 8.88 6.32 -24.94
N ASN E 109 8.07 5.58 -25.69
CA ASN E 109 6.67 5.36 -25.31
C ASN E 109 6.42 3.85 -25.16
N GLU E 110 5.17 3.48 -24.89
CA GLU E 110 4.86 2.13 -24.45
C GLU E 110 4.96 1.22 -25.66
N ALA E 111 4.60 1.72 -26.82
CA ALA E 111 4.71 0.98 -28.07
C ALA E 111 6.18 0.63 -28.38
N ASP E 112 7.09 1.57 -28.13
CA ASP E 112 8.52 1.34 -28.32
C ASP E 112 8.97 0.13 -27.51
N GLN E 113 8.41 -0.06 -26.33
CA GLN E 113 8.78 -1.18 -25.48
C GLN E 113 8.39 -2.49 -26.14
N VAL E 114 7.26 -2.51 -26.85
CA VAL E 114 6.85 -3.74 -27.53
C VAL E 114 7.70 -3.95 -28.78
N ILE E 115 8.05 -2.87 -29.47
CA ILE E 115 8.95 -2.91 -30.62
C ILE E 115 10.29 -3.56 -30.23
N GLU E 116 10.91 -3.09 -29.14
CA GLU E 116 12.21 -3.59 -28.67
C GLU E 116 12.21 -5.11 -28.64
N ASN E 117 11.05 -5.69 -28.40
CA ASN E 117 10.94 -7.11 -28.16
C ASN E 117 10.50 -7.87 -29.41
N LEU E 118 9.57 -7.31 -30.19
CA LEU E 118 8.98 -8.06 -31.29
C LEU E 118 9.86 -7.94 -32.55
N GLN E 119 10.60 -6.83 -32.69
CA GLN E 119 11.33 -6.56 -33.92
C GLN E 119 12.75 -7.15 -33.80
N ARG E 120 12.84 -8.48 -33.69
N ARG E 120 12.84 -8.48 -33.73
CA ARG E 120 14.10 -9.18 -33.71
CA ARG E 120 14.10 -9.16 -33.77
C ARG E 120 13.87 -10.63 -34.14
C ARG E 120 13.85 -10.58 -34.24
N ASN E 121 14.95 -11.27 -34.59
CA ASN E 121 14.90 -12.57 -35.23
C ASN E 121 16.10 -13.37 -34.75
N GLU E 122 15.88 -14.67 -34.56
CA GLU E 122 16.88 -15.55 -33.99
C GLU E 122 17.84 -16.03 -35.09
N LEU E 123 19.06 -16.41 -34.65
CA LEU E 123 19.92 -17.31 -35.39
C LEU E 123 19.21 -18.65 -35.51
N THR E 124 19.37 -19.34 -36.63
CA THR E 124 18.81 -20.66 -36.80
C THR E 124 19.62 -21.66 -36.00
N PRO E 125 19.09 -22.88 -35.74
CA PRO E 125 19.90 -23.96 -35.16
C PRO E 125 21.19 -24.25 -35.94
N ARG E 126 21.08 -24.27 -37.26
CA ARG E 126 22.22 -24.52 -38.12
C ARG E 126 23.30 -23.46 -37.87
N GLU E 127 22.89 -22.20 -37.78
CA GLU E 127 23.85 -21.13 -37.60
C GLU E 127 24.55 -21.24 -36.24
N ILE E 128 23.83 -21.75 -35.24
CA ILE E 128 24.38 -21.88 -33.91
C ILE E 128 25.35 -23.08 -33.91
N ALA E 129 24.93 -24.20 -34.50
CA ALA E 129 25.79 -25.36 -34.67
C ALA E 129 27.10 -24.98 -35.36
N ASP E 130 26.99 -24.22 -36.47
CA ASP E 130 28.16 -23.90 -37.26
C ASP E 130 29.09 -23.00 -36.46
N PHE E 131 28.54 -22.09 -35.63
CA PHE E 131 29.40 -21.32 -34.75
C PHE E 131 30.14 -22.24 -33.79
N ILE E 132 29.46 -23.23 -33.24
CA ILE E 132 30.07 -24.14 -32.30
C ILE E 132 31.19 -24.89 -33.02
N GLY E 133 30.88 -25.37 -34.24
CA GLY E 133 31.87 -26.01 -35.10
C GLY E 133 33.16 -25.19 -35.27
N ARG E 134 33.00 -23.87 -35.51
CA ARG E 134 34.15 -23.01 -35.76
C ARG E 134 34.98 -22.91 -34.48
N GLU E 135 34.32 -22.89 -33.32
CA GLU E 135 35.00 -22.79 -32.04
C GLU E 135 35.73 -24.09 -31.71
N LEU E 136 35.10 -25.25 -31.94
CA LEU E 136 35.78 -26.51 -31.77
C LEU E 136 37.04 -26.61 -32.64
N ALA E 137 36.95 -26.11 -33.88
CA ALA E 137 38.06 -26.19 -34.82
C ALA E 137 39.22 -25.30 -34.40
N LYS E 138 38.96 -24.34 -33.50
CA LYS E 138 40.01 -23.49 -32.96
C LYS E 138 40.56 -24.09 -31.67
N GLY E 139 40.01 -25.25 -31.27
CA GLY E 139 40.57 -26.01 -30.17
C GLY E 139 39.82 -25.79 -28.85
N LYS E 140 38.73 -25.01 -28.86
CA LYS E 140 38.05 -24.69 -27.63
C LYS E 140 37.24 -25.90 -27.18
N LYS E 141 37.20 -26.12 -25.86
CA LYS E 141 36.47 -27.25 -25.30
C LYS E 141 34.99 -26.90 -25.26
N LYS E 142 34.12 -27.92 -25.35
CA LYS E 142 32.69 -27.76 -25.26
C LYS E 142 32.31 -26.94 -24.02
N GLY E 143 32.94 -27.27 -22.89
CA GLY E 143 32.62 -26.60 -21.63
C GLY E 143 32.92 -25.11 -21.68
N ASP E 144 33.98 -24.71 -22.38
CA ASP E 144 34.26 -23.28 -22.51
C ASP E 144 33.34 -22.62 -23.55
N ILE E 145 32.82 -23.41 -24.51
CA ILE E 145 31.96 -22.83 -25.53
C ILE E 145 30.61 -22.56 -24.85
N ALA E 146 30.13 -23.51 -24.03
CA ALA E 146 28.98 -23.29 -23.17
C ALA E 146 29.11 -21.96 -22.43
N LYS E 147 30.22 -21.77 -21.72
CA LYS E 147 30.34 -20.59 -20.88
C LYS E 147 30.31 -19.32 -21.71
N GLU E 148 31.00 -19.25 -22.85
CA GLU E 148 31.19 -17.97 -23.53
C GLU E 148 29.89 -17.50 -24.20
N ILE E 149 28.90 -18.40 -24.37
CA ILE E 149 27.60 -17.99 -24.89
C ILE E 149 26.51 -18.12 -23.81
N GLY E 150 26.88 -18.45 -22.59
CA GLY E 150 25.93 -18.45 -21.50
C GLY E 150 24.90 -19.57 -21.59
N LYS E 151 25.24 -20.68 -22.20
CA LYS E 151 24.30 -21.78 -22.34
C LYS E 151 24.86 -23.04 -21.69
N SER E 152 24.03 -24.06 -21.61
CA SER E 152 24.36 -25.28 -20.89
C SER E 152 25.12 -26.22 -21.79
N PRO E 153 25.96 -27.13 -21.21
CA PRO E 153 26.57 -28.20 -21.97
C PRO E 153 25.59 -29.01 -22.82
N ALA E 154 24.38 -29.22 -22.31
CA ALA E 154 23.40 -30.00 -23.04
C ALA E 154 22.96 -29.26 -24.30
N PHE E 155 22.94 -27.93 -24.25
CA PHE E 155 22.58 -27.11 -25.40
C PHE E 155 23.66 -27.26 -26.47
N ILE E 156 24.95 -27.26 -26.05
CA ILE E 156 26.05 -27.46 -26.96
C ILE E 156 25.91 -28.83 -27.62
N THR E 157 25.75 -29.87 -26.82
CA THR E 157 25.61 -31.22 -27.32
C THR E 157 24.52 -31.30 -28.39
N GLN E 158 23.37 -30.71 -28.11
CA GLN E 158 22.23 -30.85 -29.01
C GLN E 158 22.50 -30.21 -30.37
N HIS E 159 23.25 -29.10 -30.38
CA HIS E 159 23.60 -28.42 -31.61
C HIS E 159 24.73 -29.14 -32.35
N VAL E 160 25.71 -29.67 -31.61
CA VAL E 160 26.80 -30.41 -32.22
C VAL E 160 26.25 -31.57 -33.07
N THR E 161 25.18 -32.21 -32.62
CA THR E 161 24.55 -33.26 -33.40
C THR E 161 24.28 -32.81 -34.84
N LEU E 162 23.98 -31.52 -35.03
CA LEU E 162 23.59 -31.02 -36.34
C LEU E 162 24.76 -30.97 -37.32
N LEU E 163 26.00 -31.13 -36.84
CA LEU E 163 27.18 -31.02 -37.70
C LEU E 163 27.43 -32.30 -38.49
N ASP E 164 26.75 -33.40 -38.16
CA ASP E 164 27.07 -34.70 -38.74
C ASP E 164 25.82 -35.57 -38.77
N LEU E 165 24.77 -35.07 -39.41
CA LEU E 165 23.50 -35.74 -39.37
C LEU E 165 23.52 -36.92 -40.32
N PRO E 166 22.92 -38.07 -39.95
CA PRO E 166 22.64 -39.12 -40.92
C PRO E 166 21.96 -38.53 -42.16
N GLU E 167 22.07 -39.24 -43.29
CA GLU E 167 21.78 -38.64 -44.58
C GLU E 167 20.31 -38.23 -44.67
N LYS E 168 19.40 -39.18 -44.38
CA LYS E 168 17.98 -38.94 -44.56
C LYS E 168 17.47 -37.86 -43.60
N ILE E 169 18.02 -37.82 -42.38
CA ILE E 169 17.64 -36.82 -41.40
C ILE E 169 18.17 -35.45 -41.81
N ALA E 170 19.35 -35.41 -42.44
CA ALA E 170 19.90 -34.17 -42.93
C ALA E 170 18.94 -33.54 -43.94
N ASP E 171 18.44 -34.36 -44.89
CA ASP E 171 17.52 -33.90 -45.91
C ASP E 171 16.30 -33.25 -45.25
N ALA E 172 15.70 -33.98 -44.31
CA ALA E 172 14.50 -33.53 -43.63
C ALA E 172 14.77 -32.21 -42.90
N PHE E 173 15.98 -32.06 -42.36
CA PHE E 173 16.31 -30.85 -41.62
C PHE E 173 16.48 -29.67 -42.58
N ASN E 174 17.12 -29.92 -43.73
CA ASN E 174 17.47 -28.87 -44.67
C ASN E 174 16.22 -28.40 -45.43
N THR E 175 15.35 -29.34 -45.83
CA THR E 175 14.11 -29.02 -46.53
C THR E 175 13.12 -28.31 -45.61
N GLY E 176 13.38 -28.31 -44.29
CA GLY E 176 12.49 -27.66 -43.33
C GLY E 176 11.37 -28.56 -42.82
N ARG E 177 11.39 -29.85 -43.22
CA ARG E 177 10.40 -30.82 -42.78
C ARG E 177 10.42 -30.99 -41.26
N VAL E 178 11.59 -30.72 -40.63
CA VAL E 178 11.70 -30.60 -39.19
C VAL E 178 12.71 -29.50 -38.90
N ARG E 179 12.44 -28.66 -37.90
CA ARG E 179 13.29 -27.51 -37.66
C ARG E 179 13.80 -27.48 -36.22
N ASP E 180 13.10 -28.14 -35.29
CA ASP E 180 13.45 -28.02 -33.88
C ASP E 180 14.63 -28.94 -33.53
N VAL E 181 15.69 -28.35 -32.96
CA VAL E 181 16.90 -29.07 -32.63
C VAL E 181 16.61 -30.28 -31.72
N THR E 182 15.71 -30.09 -30.74
CA THR E 182 15.38 -31.18 -29.82
C THR E 182 14.77 -32.35 -30.57
N VAL E 183 13.91 -32.07 -31.54
CA VAL E 183 13.23 -33.13 -32.25
C VAL E 183 14.24 -33.87 -33.15
N VAL E 184 15.17 -33.11 -33.74
CA VAL E 184 16.19 -33.67 -34.60
C VAL E 184 17.06 -34.62 -33.77
N ASN E 185 17.48 -34.19 -32.59
CA ASN E 185 18.24 -35.04 -31.70
C ASN E 185 17.48 -36.31 -31.36
N GLU E 186 16.19 -36.22 -31.05
CA GLU E 186 15.40 -37.39 -30.69
C GLU E 186 15.35 -38.36 -31.87
N LEU E 187 15.38 -37.80 -33.08
CA LEU E 187 15.26 -38.58 -34.30
C LEU E 187 16.59 -39.28 -34.62
N VAL E 188 17.70 -38.61 -34.34
CA VAL E 188 19.02 -39.19 -34.45
C VAL E 188 19.14 -40.35 -33.46
N THR E 189 18.84 -40.10 -32.19
CA THR E 189 18.94 -41.12 -31.15
C THR E 189 18.15 -42.38 -31.56
N ALA E 190 17.01 -42.18 -32.23
CA ALA E 190 16.24 -43.32 -32.72
C ALA E 190 16.96 -44.00 -33.89
N PHE E 191 17.56 -43.20 -34.77
CA PHE E 191 18.25 -43.69 -35.96
C PHE E 191 19.40 -44.61 -35.58
N LYS E 192 20.15 -44.24 -34.51
CA LYS E 192 21.29 -45.01 -34.05
C LYS E 192 20.87 -46.45 -33.75
N LYS E 193 19.71 -46.61 -33.08
CA LYS E 193 19.27 -47.90 -32.59
C LYS E 193 18.53 -48.68 -33.68
N ARG E 194 17.83 -47.99 -34.59
CA ARG E 194 17.02 -48.67 -35.59
C ARG E 194 17.06 -47.88 -36.91
N PRO E 195 18.18 -47.89 -37.68
CA PRO E 195 18.33 -47.01 -38.83
C PRO E 195 17.39 -47.32 -40.01
N GLU E 196 17.15 -48.61 -40.27
CA GLU E 196 16.31 -48.97 -41.41
C GLU E 196 14.88 -48.49 -41.17
N GLU E 197 14.41 -48.56 -39.92
CA GLU E 197 13.02 -48.33 -39.57
C GLU E 197 12.73 -46.82 -39.57
N VAL E 198 13.70 -46.01 -39.13
CA VAL E 198 13.58 -44.55 -39.15
C VAL E 198 13.64 -44.04 -40.58
N GLU E 199 14.45 -44.66 -41.45
CA GLU E 199 14.55 -44.22 -42.83
C GLU E 199 13.22 -44.44 -43.54
N ALA E 200 12.55 -45.57 -43.26
CA ALA E 200 11.27 -45.90 -43.89
C ALA E 200 10.15 -45.03 -43.33
N TRP E 201 10.30 -44.51 -42.11
CA TRP E 201 9.34 -43.62 -41.50
C TRP E 201 9.44 -42.23 -42.14
N LEU E 202 10.66 -41.81 -42.49
CA LEU E 202 10.92 -40.53 -43.15
C LEU E 202 10.54 -40.59 -44.62
N ASP E 203 10.55 -41.80 -45.22
CA ASP E 203 10.28 -41.99 -46.64
C ASP E 203 8.80 -41.72 -46.96
N ASP E 204 7.96 -41.76 -45.93
CA ASP E 204 6.53 -41.51 -46.05
C ASP E 204 6.30 -40.00 -45.97
N ASP E 205 5.62 -39.44 -46.98
CA ASP E 205 5.42 -38.01 -47.02
C ASP E 205 4.28 -37.58 -46.08
N THR E 206 3.34 -38.49 -45.79
CA THR E 206 2.23 -38.26 -44.89
C THR E 206 2.67 -38.09 -43.45
N GLN E 207 3.88 -38.55 -43.10
CA GLN E 207 4.48 -38.31 -41.80
C GLN E 207 4.88 -36.84 -41.67
N GLU E 208 4.17 -36.11 -40.82
CA GLU E 208 4.67 -34.87 -40.24
C GLU E 208 5.68 -35.23 -39.16
N ILE E 209 6.63 -34.32 -38.89
CA ILE E 209 7.68 -34.56 -37.92
C ILE E 209 7.55 -33.53 -36.81
N THR E 210 7.02 -33.97 -35.65
CA THR E 210 6.74 -33.08 -34.53
C THR E 210 7.21 -33.76 -33.24
N ARG E 211 7.36 -32.95 -32.18
CA ARG E 211 7.67 -33.47 -30.84
C ARG E 211 6.79 -34.71 -30.60
N GLY E 212 5.52 -34.65 -31.05
CA GLY E 212 4.53 -35.69 -30.80
C GLY E 212 4.74 -36.96 -31.63
N THR E 213 4.93 -36.81 -32.95
CA THR E 213 5.04 -37.96 -33.83
C THR E 213 6.29 -38.76 -33.53
N VAL E 214 7.35 -38.05 -33.12
CA VAL E 214 8.62 -38.68 -32.79
C VAL E 214 8.47 -39.40 -31.45
N LYS E 215 7.79 -38.79 -30.48
CA LYS E 215 7.46 -39.46 -29.23
C LYS E 215 6.71 -40.78 -29.50
N LEU E 216 5.83 -40.79 -30.53
CA LEU E 216 5.09 -41.99 -30.90
C LEU E 216 6.01 -43.02 -31.52
N LEU E 217 7.01 -42.56 -32.29
CA LEU E 217 7.96 -43.44 -32.96
C LEU E 217 8.89 -44.10 -31.93
N ARG E 218 9.37 -43.31 -30.96
CA ARG E 218 10.26 -43.82 -29.93
C ARG E 218 9.57 -44.97 -29.20
N GLU E 219 8.30 -44.78 -28.83
CA GLU E 219 7.56 -45.78 -28.10
C GLU E 219 7.32 -47.02 -28.94
N PHE E 220 7.00 -46.84 -30.24
CA PHE E 220 6.77 -48.00 -31.11
C PHE E 220 8.02 -48.89 -31.12
N LEU E 221 9.21 -48.28 -31.01
CA LEU E 221 10.48 -48.98 -31.19
C LEU E 221 10.93 -49.70 -29.90
N ASP E 222 10.63 -49.18 -28.70
CA ASP E 222 11.14 -49.75 -27.46
C ASP E 222 9.99 -50.33 -26.63
N GLY F 23 25.79 10.41 -24.75
CA GLY F 23 24.78 9.57 -25.44
C GLY F 23 25.37 8.70 -26.57
N PRO F 24 24.52 8.16 -27.49
CA PRO F 24 24.99 7.44 -28.68
C PRO F 24 25.43 8.45 -29.75
N ILE F 25 26.29 8.00 -30.66
CA ILE F 25 26.74 8.87 -31.73
C ILE F 25 25.87 8.58 -32.96
N GLU F 26 25.52 9.62 -33.72
CA GLU F 26 24.83 9.41 -34.99
C GLU F 26 25.91 9.14 -36.05
N LEU F 27 25.98 7.91 -36.54
CA LEU F 27 27.05 7.53 -37.45
C LEU F 27 26.52 7.45 -38.88
N ASP F 28 27.17 8.12 -39.82
CA ASP F 28 26.87 7.98 -41.24
C ASP F 28 26.88 6.52 -41.66
N LEU F 29 25.80 6.04 -42.29
CA LEU F 29 25.70 4.67 -42.79
C LEU F 29 26.79 4.39 -43.83
N ASP F 30 27.22 5.44 -44.56
CA ASP F 30 28.32 5.38 -45.51
C ASP F 30 29.63 4.86 -44.92
N LEU F 31 29.81 5.00 -43.60
CA LEU F 31 31.07 4.69 -42.98
C LEU F 31 31.05 3.28 -42.38
N ILE F 32 29.95 2.55 -42.57
CA ILE F 32 29.74 1.32 -41.80
C ILE F 32 29.63 0.16 -42.76
N ASP F 33 30.40 -0.90 -42.46
CA ASP F 33 30.30 -2.15 -43.20
C ASP F 33 29.83 -3.25 -42.28
N GLU F 34 29.08 -4.17 -42.86
CA GLU F 34 28.69 -5.38 -42.18
C GLU F 34 29.92 -6.26 -41.95
N ASP F 35 29.84 -7.09 -40.92
CA ASP F 35 30.87 -8.07 -40.61
C ASP F 35 30.57 -9.31 -41.42
N PRO F 36 31.49 -9.69 -42.34
CA PRO F 36 31.21 -10.84 -43.20
C PRO F 36 31.25 -12.19 -42.48
N HIS F 37 31.77 -12.21 -41.23
CA HIS F 37 31.82 -13.41 -40.41
C HIS F 37 30.82 -13.38 -39.24
N GLN F 38 29.81 -12.52 -39.34
N GLN F 38 29.87 -12.46 -39.23
CA GLN F 38 28.71 -12.47 -38.37
CA GLN F 38 28.86 -12.50 -38.18
C GLN F 38 28.06 -13.85 -38.35
C GLN F 38 28.18 -13.86 -38.28
N PRO F 39 27.47 -14.32 -37.25
CA PRO F 39 26.84 -15.65 -37.24
C PRO F 39 25.52 -15.77 -38.02
N ARG F 40 24.85 -14.65 -38.29
CA ARG F 40 23.65 -14.66 -39.13
C ARG F 40 24.06 -14.72 -40.60
N THR F 41 23.63 -15.78 -41.30
CA THR F 41 23.98 -15.96 -42.68
C THR F 41 22.88 -15.39 -43.58
N ALA F 42 23.16 -15.35 -44.88
CA ALA F 42 22.34 -14.68 -45.87
C ALA F 42 20.96 -15.32 -45.96
N ASP F 43 20.85 -16.63 -45.71
CA ASP F 43 19.61 -17.37 -45.80
C ASP F 43 18.70 -17.16 -44.58
N ASN F 44 19.18 -16.46 -43.54
CA ASN F 44 18.44 -16.32 -42.31
C ASN F 44 17.11 -15.58 -42.53
N PRO F 45 15.96 -16.09 -42.04
CA PRO F 45 14.67 -15.39 -42.20
C PRO F 45 14.72 -13.91 -41.87
N GLY F 46 15.59 -13.50 -40.96
CA GLY F 46 15.66 -12.10 -40.55
C GLY F 46 16.34 -11.20 -41.58
N PHE F 47 16.97 -11.78 -42.60
CA PHE F 47 17.51 -10.97 -43.68
C PHE F 47 16.64 -11.06 -44.95
N SER F 48 15.46 -11.69 -44.85
CA SER F 48 14.49 -11.72 -45.92
C SER F 48 14.01 -10.30 -46.16
N PRO F 49 13.64 -9.97 -47.41
CA PRO F 49 13.07 -8.66 -47.73
C PRO F 49 11.95 -8.27 -46.78
N GLU F 50 11.02 -9.20 -46.52
CA GLU F 50 9.86 -8.94 -45.68
C GLU F 50 10.32 -8.50 -44.30
N SER F 51 11.35 -9.21 -43.74
CA SER F 51 11.76 -8.94 -42.39
C SER F 51 12.47 -7.60 -42.30
N ILE F 52 13.32 -7.26 -43.27
CA ILE F 52 13.99 -5.97 -43.25
C ILE F 52 12.96 -4.85 -43.41
N ALA F 53 11.92 -5.09 -44.24
CA ALA F 53 10.89 -4.06 -44.42
C ALA F 53 10.11 -3.84 -43.12
N GLU F 54 9.93 -4.91 -42.36
CA GLU F 54 9.17 -4.85 -41.11
C GLU F 54 9.95 -4.05 -40.07
N ILE F 55 11.24 -4.33 -39.84
CA ILE F 55 11.98 -3.53 -38.87
C ILE F 55 12.18 -2.13 -39.42
N GLY F 56 12.36 -2.04 -40.74
CA GLY F 56 12.59 -0.76 -41.36
C GLY F 56 11.42 0.22 -41.16
N ALA F 57 10.18 -0.28 -41.21
CA ALA F 57 9.03 0.60 -41.00
C ALA F 57 9.05 1.16 -39.58
N THR F 58 9.45 0.35 -38.58
CA THR F 58 9.51 0.86 -37.21
C THR F 58 10.60 1.90 -37.08
N ILE F 59 11.69 1.75 -37.87
CA ILE F 59 12.76 2.72 -37.82
C ILE F 59 12.33 4.02 -38.50
N LYS F 60 11.61 3.90 -39.61
CA LYS F 60 11.07 5.08 -40.27
C LYS F 60 10.20 5.87 -39.29
N GLU F 61 9.33 5.17 -38.56
CA GLU F 61 8.40 5.78 -37.61
C GLU F 61 9.09 6.29 -36.33
N ARG F 62 9.90 5.44 -35.66
CA ARG F 62 10.31 5.69 -34.29
C ARG F 62 11.82 5.93 -34.16
N GLY F 63 12.59 5.55 -35.19
CA GLY F 63 14.03 5.55 -35.09
C GLY F 63 14.56 4.19 -34.61
N VAL F 64 15.88 4.04 -34.69
CA VAL F 64 16.51 2.91 -34.01
C VAL F 64 16.54 3.25 -32.53
N LYS F 65 15.92 2.37 -31.74
CA LYS F 65 15.77 2.62 -30.32
C LYS F 65 16.93 2.00 -29.51
N SER F 66 17.56 0.94 -30.02
CA SER F 66 18.74 0.33 -29.41
C SER F 66 19.96 0.56 -30.30
N PRO F 67 20.84 1.53 -29.95
CA PRO F 67 21.95 1.87 -30.82
C PRO F 67 22.77 0.64 -31.18
N ILE F 68 23.32 0.60 -32.40
CA ILE F 68 24.13 -0.53 -32.78
C ILE F 68 25.50 -0.40 -32.13
N SER F 69 26.22 -1.53 -32.11
CA SER F 69 27.59 -1.55 -31.64
C SER F 69 28.51 -1.74 -32.84
N VAL F 70 29.52 -0.86 -32.96
CA VAL F 70 30.51 -1.02 -34.01
C VAL F 70 31.94 -1.00 -33.43
N ARG F 71 32.88 -1.56 -34.19
CA ARG F 71 34.30 -1.42 -33.91
C ARG F 71 35.00 -0.68 -35.04
N GLU F 72 36.07 0.02 -34.69
CA GLU F 72 36.82 0.79 -35.66
C GLU F 72 37.52 -0.21 -36.58
N ASN F 73 37.43 0.03 -37.89
CA ASN F 73 38.13 -0.82 -38.84
C ASN F 73 39.62 -0.47 -38.83
N GLN F 74 40.47 -1.42 -38.43
CA GLN F 74 41.93 -1.22 -38.38
C GLN F 74 42.50 -1.04 -39.80
N GLU F 75 41.88 -1.76 -40.76
CA GLU F 75 42.35 -1.81 -42.13
C GLU F 75 41.97 -0.55 -42.89
N GLN F 76 40.83 0.06 -42.56
CA GLN F 76 40.35 1.23 -43.29
C GLN F 76 39.99 2.34 -42.32
N PRO F 77 40.96 3.17 -41.89
CA PRO F 77 40.70 4.17 -40.86
C PRO F 77 39.53 5.07 -41.22
N GLY F 78 38.71 5.40 -40.22
CA GLY F 78 37.56 6.27 -40.42
C GLY F 78 36.27 5.49 -40.68
N ARG F 79 36.39 4.17 -40.88
CA ARG F 79 35.25 3.31 -41.17
C ARG F 79 35.05 2.39 -39.98
N TYR F 80 33.91 1.69 -39.97
CA TYR F 80 33.51 0.88 -38.83
C TYR F 80 33.00 -0.47 -39.31
N ILE F 81 33.16 -1.50 -38.46
CA ILE F 81 32.55 -2.80 -38.70
C ILE F 81 31.48 -3.02 -37.63
N ILE F 82 30.39 -3.67 -38.03
CA ILE F 82 29.29 -3.94 -37.13
C ILE F 82 29.64 -5.10 -36.22
N ASN F 83 29.51 -4.84 -34.92
CA ASN F 83 29.49 -5.87 -33.89
C ASN F 83 28.12 -6.54 -33.89
N HIS F 84 27.10 -5.77 -33.48
CA HIS F 84 25.71 -6.20 -33.58
C HIS F 84 24.91 -5.04 -34.18
N GLY F 85 23.97 -5.38 -35.07
CA GLY F 85 23.12 -4.31 -35.64
C GLY F 85 22.87 -4.40 -37.13
N ALA F 86 23.07 -5.56 -37.77
CA ALA F 86 23.04 -5.59 -39.23
C ALA F 86 21.61 -5.33 -39.73
N ARG F 87 20.61 -5.89 -39.03
CA ARG F 87 19.22 -5.69 -39.41
C ARG F 87 18.82 -4.25 -39.16
N ARG F 88 19.28 -3.66 -38.06
CA ARG F 88 19.01 -2.25 -37.83
C ARG F 88 19.62 -1.40 -38.94
N TYR F 89 20.80 -1.81 -39.36
CA TYR F 89 21.55 -1.14 -40.40
C TYR F 89 20.78 -1.21 -41.73
N ARG F 90 20.38 -2.42 -42.14
CA ARG F 90 19.71 -2.59 -43.41
C ARG F 90 18.33 -1.92 -43.36
N GLY F 91 17.64 -2.07 -42.23
CA GLY F 91 16.38 -1.40 -41.99
C GLY F 91 16.53 0.11 -42.09
N SER F 92 17.64 0.65 -41.55
CA SER F 92 17.81 2.07 -41.60
C SER F 92 17.95 2.54 -43.04
N LYS F 93 18.66 1.75 -43.88
CA LYS F 93 18.85 2.12 -45.27
C LYS F 93 17.51 2.08 -46.02
N TRP F 94 16.76 1.00 -45.78
CA TRP F 94 15.45 0.82 -46.37
C TRP F 94 14.54 2.01 -46.06
N ALA F 95 14.64 2.55 -44.84
CA ALA F 95 13.78 3.62 -44.37
C ALA F 95 14.29 4.99 -44.81
N GLY F 96 15.38 5.02 -45.56
CA GLY F 96 15.84 6.27 -46.13
C GLY F 96 16.68 7.08 -45.16
N LYS F 97 17.24 6.42 -44.13
CA LYS F 97 18.00 7.13 -43.11
C LYS F 97 19.40 7.40 -43.62
N LYS F 98 20.00 8.51 -43.20
CA LYS F 98 21.36 8.85 -43.59
C LYS F 98 22.33 8.40 -42.50
N SER F 99 21.86 8.23 -41.26
CA SER F 99 22.74 7.86 -40.15
C SER F 99 22.04 6.89 -39.22
N ILE F 100 22.80 6.33 -38.27
CA ILE F 100 22.27 5.37 -37.33
C ILE F 100 22.91 5.62 -35.98
N PRO F 101 22.14 5.54 -34.87
CA PRO F 101 22.67 5.65 -33.52
C PRO F 101 23.62 4.49 -33.23
N ALA F 102 24.79 4.81 -32.69
CA ALA F 102 25.77 3.75 -32.46
C ALA F 102 26.67 4.07 -31.28
N PHE F 103 27.28 3.03 -30.71
N PHE F 103 27.28 3.01 -30.74
CA PHE F 103 28.41 3.20 -29.81
CA PHE F 103 28.38 3.13 -29.81
C PHE F 103 29.58 2.39 -30.35
C PHE F 103 29.59 2.42 -30.41
N ILE F 104 30.78 2.83 -29.98
CA ILE F 104 32.01 2.15 -30.36
C ILE F 104 32.42 1.21 -29.23
N ASP F 105 32.62 -0.07 -29.57
CA ASP F 105 33.15 -1.07 -28.66
C ASP F 105 34.19 -1.90 -29.39
N ASN F 106 35.48 -1.64 -29.07
CA ASN F 106 36.56 -2.34 -29.74
C ASN F 106 36.91 -3.64 -29.02
N ASP F 107 36.18 -3.97 -27.95
CA ASP F 107 36.46 -5.19 -27.21
C ASP F 107 35.28 -6.14 -27.37
N TYR F 108 35.05 -6.58 -28.59
CA TYR F 108 33.84 -7.31 -28.94
C TYR F 108 34.25 -8.49 -29.81
N ASN F 109 33.88 -9.71 -29.45
CA ASN F 109 34.38 -10.88 -30.15
C ASN F 109 33.21 -11.66 -30.75
N GLU F 110 33.51 -12.81 -31.36
CA GLU F 110 32.54 -13.54 -32.17
C GLU F 110 31.47 -14.11 -31.24
N ALA F 111 31.90 -14.57 -30.07
CA ALA F 111 30.99 -15.11 -29.06
C ALA F 111 29.99 -14.06 -28.60
N ASP F 112 30.42 -12.81 -28.42
CA ASP F 112 29.54 -11.73 -28.00
C ASP F 112 28.39 -11.60 -29.00
N GLN F 113 28.68 -11.80 -30.30
CA GLN F 113 27.67 -11.68 -31.35
C GLN F 113 26.62 -12.77 -31.15
N VAL F 114 27.01 -13.96 -30.70
CA VAL F 114 26.05 -15.02 -30.47
C VAL F 114 25.24 -14.72 -29.20
N ILE F 115 25.91 -14.20 -28.17
CA ILE F 115 25.25 -13.78 -26.93
C ILE F 115 24.12 -12.77 -27.23
N GLU F 116 24.42 -11.72 -28.00
CA GLU F 116 23.48 -10.64 -28.31
C GLU F 116 22.15 -11.23 -28.77
N ASN F 117 22.22 -12.38 -29.38
CA ASN F 117 21.09 -12.97 -30.05
C ASN F 117 20.42 -14.05 -29.20
N LEU F 118 21.19 -14.87 -28.49
CA LEU F 118 20.64 -16.01 -27.76
C LEU F 118 20.13 -15.58 -26.38
N GLN F 119 20.69 -14.52 -25.79
CA GLN F 119 20.36 -14.12 -24.43
C GLN F 119 19.22 -13.09 -24.48
N ARG F 120 18.05 -13.53 -24.98
N ARG F 120 18.04 -13.56 -24.92
CA ARG F 120 16.85 -12.70 -24.94
CA ARG F 120 16.84 -12.76 -24.88
C ARG F 120 15.63 -13.62 -24.98
C ARG F 120 15.61 -13.65 -24.96
N ASN F 121 14.50 -13.08 -24.52
CA ASN F 121 13.28 -13.84 -24.29
C ASN F 121 12.09 -13.04 -24.81
N GLU F 122 11.11 -13.75 -25.37
CA GLU F 122 9.99 -13.10 -26.03
C GLU F 122 8.90 -12.70 -25.02
N LEU F 123 8.09 -11.69 -25.37
CA LEU F 123 6.76 -11.50 -24.79
C LEU F 123 5.90 -12.68 -25.16
N THR F 124 5.02 -13.11 -24.25
CA THR F 124 4.08 -14.17 -24.55
C THR F 124 2.96 -13.63 -25.44
N PRO F 125 2.19 -14.49 -26.11
CA PRO F 125 0.98 -14.05 -26.82
C PRO F 125 0.01 -13.27 -25.93
N ARG F 126 -0.19 -13.74 -24.71
CA ARG F 126 -1.07 -13.09 -23.75
C ARG F 126 -0.58 -11.65 -23.51
N GLU F 127 0.73 -11.48 -23.33
CA GLU F 127 1.27 -10.18 -23.01
C GLU F 127 1.10 -9.24 -24.20
N ILE F 128 1.14 -9.78 -25.42
CA ILE F 128 1.03 -8.97 -26.61
C ILE F 128 -0.43 -8.59 -26.80
N ALA F 129 -1.35 -9.56 -26.65
CA ALA F 129 -2.77 -9.29 -26.69
C ALA F 129 -3.15 -8.19 -25.70
N ASP F 130 -2.65 -8.31 -24.45
CA ASP F 130 -3.05 -7.38 -23.42
C ASP F 130 -2.50 -5.98 -23.72
N PHE F 131 -1.32 -5.90 -24.33
CA PHE F 131 -0.83 -4.61 -24.76
C PHE F 131 -1.78 -4.01 -25.79
N ILE F 132 -2.22 -4.84 -26.74
CA ILE F 132 -3.11 -4.37 -27.79
C ILE F 132 -4.41 -3.89 -27.13
N GLY F 133 -4.93 -4.70 -26.20
CA GLY F 133 -6.09 -4.35 -25.39
C GLY F 133 -5.98 -2.96 -24.74
N ARG F 134 -4.82 -2.63 -24.16
CA ARG F 134 -4.66 -1.36 -23.49
C ARG F 134 -4.72 -0.22 -24.51
N GLU F 135 -4.18 -0.46 -25.72
CA GLU F 135 -4.20 0.52 -26.78
C GLU F 135 -5.63 0.69 -27.32
N LEU F 136 -6.35 -0.40 -27.53
CA LEU F 136 -7.73 -0.31 -27.97
C LEU F 136 -8.57 0.50 -26.98
N ALA F 137 -8.35 0.30 -25.69
CA ALA F 137 -9.11 0.94 -24.64
C ALA F 137 -8.81 2.44 -24.58
N LYS F 138 -7.72 2.88 -25.21
CA LYS F 138 -7.41 4.29 -25.31
C LYS F 138 -8.00 4.87 -26.60
N GLY F 139 -8.61 4.01 -27.42
CA GLY F 139 -9.33 4.43 -28.59
C GLY F 139 -8.53 4.31 -29.88
N LYS F 140 -7.33 3.75 -29.82
CA LYS F 140 -6.51 3.63 -31.00
C LYS F 140 -7.07 2.55 -31.93
N LYS F 141 -6.98 2.81 -33.24
CA LYS F 141 -7.50 1.90 -34.25
C LYS F 141 -6.53 0.73 -34.42
N LYS F 142 -7.01 -0.45 -34.77
CA LYS F 142 -6.20 -1.63 -35.01
C LYS F 142 -5.10 -1.31 -36.02
N GLY F 143 -5.45 -0.61 -37.08
CA GLY F 143 -4.54 -0.26 -38.14
C GLY F 143 -3.38 0.59 -37.63
N ASP F 144 -3.64 1.51 -36.69
CA ASP F 144 -2.56 2.31 -36.12
C ASP F 144 -1.77 1.51 -35.07
N ILE F 145 -2.37 0.48 -34.48
CA ILE F 145 -1.67 -0.33 -33.51
C ILE F 145 -0.69 -1.20 -34.29
N ALA F 146 -1.11 -1.78 -35.41
CA ALA F 146 -0.24 -2.46 -36.36
C ALA F 146 0.95 -1.60 -36.68
N LYS F 147 0.73 -0.36 -37.11
CA LYS F 147 1.83 0.48 -37.54
C LYS F 147 2.81 0.73 -36.41
N GLU F 148 2.35 1.05 -35.20
CA GLU F 148 3.26 1.55 -34.17
C GLU F 148 4.15 0.41 -33.62
N ILE F 149 3.79 -0.87 -33.86
CA ILE F 149 4.62 -1.97 -33.46
C ILE F 149 5.19 -2.70 -34.68
N GLY F 150 4.96 -2.18 -35.90
CA GLY F 150 5.60 -2.72 -37.08
C GLY F 150 5.12 -4.12 -37.43
N LYS F 151 3.87 -4.45 -37.13
CA LYS F 151 3.33 -5.75 -37.47
C LYS F 151 2.12 -5.56 -38.41
N SER F 152 1.63 -6.69 -38.93
CA SER F 152 0.58 -6.68 -39.90
C SER F 152 -0.76 -6.61 -39.21
N PRO F 153 -1.81 -6.06 -39.89
CA PRO F 153 -3.17 -6.13 -39.37
C PRO F 153 -3.60 -7.53 -38.96
N ALA F 154 -3.18 -8.54 -39.72
CA ALA F 154 -3.57 -9.90 -39.41
C ALA F 154 -2.95 -10.35 -38.09
N PHE F 155 -1.76 -9.85 -37.76
CA PHE F 155 -1.12 -10.18 -36.50
C PHE F 155 -1.94 -9.58 -35.34
N ILE F 156 -2.41 -8.34 -35.51
CA ILE F 156 -3.23 -7.68 -34.52
C ILE F 156 -4.52 -8.48 -34.34
N THR F 157 -5.20 -8.79 -35.45
CA THR F 157 -6.44 -9.55 -35.41
C THR F 157 -6.24 -10.83 -34.59
N GLN F 158 -5.17 -11.57 -34.88
CA GLN F 158 -4.99 -12.86 -34.27
C GLN F 158 -4.83 -12.74 -32.76
N HIS F 159 -4.18 -11.68 -32.29
CA HIS F 159 -3.97 -11.46 -30.87
C HIS F 159 -5.24 -10.93 -30.20
N VAL F 160 -5.98 -10.04 -30.89
CA VAL F 160 -7.23 -9.51 -30.37
C VAL F 160 -8.18 -10.65 -30.03
N THR F 161 -8.19 -11.73 -30.80
CA THR F 161 -8.99 -12.91 -30.49
C THR F 161 -8.79 -13.36 -29.04
N LEU F 162 -7.57 -13.19 -28.50
CA LEU F 162 -7.25 -13.68 -27.17
C LEU F 162 -7.93 -12.87 -26.07
N LEU F 163 -8.48 -11.69 -26.41
CA LEU F 163 -9.07 -10.79 -25.42
C LEU F 163 -10.50 -11.19 -25.06
N ASP F 164 -11.10 -12.14 -25.77
CA ASP F 164 -12.47 -12.51 -25.52
C ASP F 164 -12.70 -13.97 -25.90
N LEU F 165 -11.93 -14.86 -25.28
CA LEU F 165 -11.98 -16.25 -25.67
C LEU F 165 -13.22 -16.91 -25.08
N PRO F 166 -13.91 -17.79 -25.83
CA PRO F 166 -14.89 -18.71 -25.24
C PRO F 166 -14.28 -19.39 -24.01
N GLU F 167 -15.15 -19.85 -23.11
CA GLU F 167 -14.73 -20.24 -21.77
C GLU F 167 -13.76 -21.43 -21.84
N LYS F 168 -14.16 -22.51 -22.52
CA LYS F 168 -13.38 -23.73 -22.52
C LYS F 168 -12.04 -23.52 -23.21
N ILE F 169 -12.02 -22.70 -24.27
CA ILE F 169 -10.79 -22.41 -24.99
C ILE F 169 -9.87 -21.54 -24.13
N ALA F 170 -10.47 -20.63 -23.35
CA ALA F 170 -9.69 -19.80 -22.44
C ALA F 170 -8.91 -20.68 -21.46
N ASP F 171 -9.59 -21.68 -20.86
CA ASP F 171 -8.96 -22.58 -19.91
C ASP F 171 -7.74 -23.23 -20.55
N ALA F 172 -7.95 -23.82 -21.74
CA ALA F 172 -6.90 -24.53 -22.45
C ALA F 172 -5.73 -23.59 -22.74
N PHE F 173 -6.03 -22.32 -23.04
CA PHE F 173 -4.97 -21.37 -23.35
C PHE F 173 -4.19 -21.00 -22.09
N ASN F 174 -4.90 -20.82 -20.97
CA ASN F 174 -4.29 -20.34 -19.74
C ASN F 174 -3.45 -21.45 -19.09
N THR F 175 -3.98 -22.68 -19.09
CA THR F 175 -3.27 -23.82 -18.52
C THR F 175 -2.04 -24.19 -19.36
N GLY F 176 -1.92 -23.64 -20.57
CA GLY F 176 -0.78 -23.94 -21.44
C GLY F 176 -1.02 -25.16 -22.33
N ARG F 177 -2.23 -25.73 -22.29
CA ARG F 177 -2.58 -26.88 -23.12
C ARG F 177 -2.48 -26.55 -24.61
N VAL F 178 -2.62 -25.26 -24.96
CA VAL F 178 -2.30 -24.75 -26.29
C VAL F 178 -1.69 -23.37 -26.10
N ARG F 179 -0.66 -23.03 -26.88
CA ARG F 179 0.05 -21.77 -26.66
C ARG F 179 0.12 -20.94 -27.93
N ASP F 180 0.00 -21.57 -29.12
CA ASP F 180 0.21 -20.83 -30.36
C ASP F 180 -1.06 -20.06 -30.75
N VAL F 181 -0.88 -18.75 -30.93
CA VAL F 181 -1.98 -17.85 -31.23
C VAL F 181 -2.74 -18.31 -32.49
N THR F 182 -2.03 -18.75 -33.52
CA THR F 182 -2.67 -19.18 -34.75
C THR F 182 -3.59 -20.37 -34.49
N VAL F 183 -3.16 -21.30 -33.65
CA VAL F 183 -3.96 -22.48 -33.38
C VAL F 183 -5.20 -22.09 -32.58
N VAL F 184 -5.03 -21.15 -31.65
CA VAL F 184 -6.13 -20.67 -30.83
C VAL F 184 -7.18 -20.03 -31.73
N ASN F 185 -6.75 -19.18 -32.66
CA ASN F 185 -7.65 -18.59 -33.63
C ASN F 185 -8.42 -19.64 -34.43
N GLU F 186 -7.72 -20.68 -34.89
CA GLU F 186 -8.35 -21.73 -35.68
C GLU F 186 -9.41 -22.44 -34.83
N LEU F 187 -9.15 -22.54 -33.53
CA LEU F 187 -10.02 -23.25 -32.60
C LEU F 187 -11.27 -22.42 -32.29
N VAL F 188 -11.09 -21.09 -32.18
CA VAL F 188 -12.21 -20.17 -32.01
C VAL F 188 -13.10 -20.23 -33.25
N THR F 189 -12.50 -20.06 -34.44
CA THR F 189 -13.26 -20.08 -35.68
C THR F 189 -14.10 -21.35 -35.79
N ALA F 190 -13.57 -22.47 -35.29
CA ALA F 190 -14.35 -23.71 -35.28
C ALA F 190 -15.46 -23.64 -34.25
N PHE F 191 -15.18 -23.04 -33.08
CA PHE F 191 -16.14 -22.92 -31.99
C PHE F 191 -17.37 -22.14 -32.41
N LYS F 192 -17.17 -21.06 -33.19
CA LYS F 192 -18.26 -20.22 -33.67
C LYS F 192 -19.29 -21.07 -34.44
N LYS F 193 -18.80 -21.97 -35.30
CA LYS F 193 -19.65 -22.73 -36.21
C LYS F 193 -20.21 -23.98 -35.53
N ARG F 194 -19.48 -24.57 -34.59
CA ARG F 194 -19.91 -25.80 -33.94
C ARG F 194 -19.50 -25.81 -32.47
N PRO F 195 -20.15 -25.03 -31.57
CA PRO F 195 -19.66 -24.87 -30.20
C PRO F 195 -19.76 -26.13 -29.34
N GLU F 196 -20.85 -26.90 -29.49
CA GLU F 196 -21.00 -28.11 -28.70
C GLU F 196 -19.92 -29.13 -29.06
N GLU F 197 -19.55 -29.21 -30.34
CA GLU F 197 -18.67 -30.28 -30.83
C GLU F 197 -17.22 -29.97 -30.44
N VAL F 198 -16.84 -28.68 -30.42
CA VAL F 198 -15.51 -28.26 -29.99
C VAL F 198 -15.36 -28.43 -28.47
N GLU F 199 -16.43 -28.18 -27.72
CA GLU F 199 -16.38 -28.32 -26.27
C GLU F 199 -16.17 -29.80 -25.92
N ALA F 200 -16.83 -30.72 -26.64
CA ALA F 200 -16.71 -32.16 -26.40
C ALA F 200 -15.35 -32.68 -26.83
N TRP F 201 -14.69 -32.01 -27.79
CA TRP F 201 -13.35 -32.36 -28.22
C TRP F 201 -12.32 -31.97 -27.15
N LEU F 202 -12.56 -30.83 -26.47
CA LEU F 202 -11.70 -30.36 -25.41
C LEU F 202 -11.93 -31.16 -24.11
N ASP F 203 -13.13 -31.75 -23.97
CA ASP F 203 -13.53 -32.47 -22.77
C ASP F 203 -12.80 -33.80 -22.67
N ASP F 204 -12.18 -34.26 -23.76
CA ASP F 204 -11.36 -35.46 -23.78
C ASP F 204 -9.96 -35.12 -23.27
N ASP F 205 -9.51 -35.84 -22.23
CA ASP F 205 -8.25 -35.52 -21.56
C ASP F 205 -7.05 -35.98 -22.41
N THR F 206 -7.24 -37.04 -23.21
CA THR F 206 -6.17 -37.60 -24.03
C THR F 206 -5.83 -36.67 -25.21
N GLN F 207 -6.78 -35.79 -25.57
CA GLN F 207 -6.69 -34.97 -26.78
C GLN F 207 -5.69 -33.83 -26.58
N GLU F 208 -4.54 -33.92 -27.24
CA GLU F 208 -3.59 -32.84 -27.32
C GLU F 208 -4.07 -31.82 -28.36
N ILE F 209 -3.62 -30.58 -28.22
CA ILE F 209 -4.11 -29.48 -29.03
C ILE F 209 -2.96 -28.89 -29.84
N THR F 210 -2.92 -29.22 -31.15
CA THR F 210 -1.78 -28.91 -32.01
C THR F 210 -2.29 -28.42 -33.36
N ARG F 211 -1.41 -27.76 -34.14
CA ARG F 211 -1.71 -27.40 -35.53
C ARG F 211 -2.39 -28.58 -36.21
N GLY F 212 -1.96 -29.82 -35.90
CA GLY F 212 -2.47 -31.03 -36.52
C GLY F 212 -3.88 -31.44 -36.08
N THR F 213 -4.13 -31.47 -34.77
CA THR F 213 -5.42 -31.90 -34.25
C THR F 213 -6.51 -30.90 -34.62
N VAL F 214 -6.16 -29.61 -34.71
CA VAL F 214 -7.13 -28.60 -35.11
C VAL F 214 -7.45 -28.77 -36.60
N LYS F 215 -6.43 -29.02 -37.43
CA LYS F 215 -6.64 -29.35 -38.84
C LYS F 215 -7.60 -30.55 -38.97
N LEU F 216 -7.52 -31.52 -38.05
CA LEU F 216 -8.41 -32.68 -38.04
C LEU F 216 -9.83 -32.28 -37.64
N LEU F 217 -9.94 -31.31 -36.72
CA LEU F 217 -11.22 -30.84 -36.21
C LEU F 217 -11.95 -30.06 -37.30
N ARG F 218 -11.22 -29.21 -38.06
CA ARG F 218 -11.74 -28.61 -39.28
C ARG F 218 -12.53 -29.62 -40.14
N GLU F 219 -12.10 -30.90 -40.25
CA GLU F 219 -12.92 -31.96 -40.85
C GLU F 219 -14.15 -32.26 -39.97
#